data_4WW8
#
_entry.id   4WW8
#
_cell.length_a   77.313
_cell.length_b   74.260
_cell.length_c   91.570
_cell.angle_alpha   90.000
_cell.angle_beta   108.660
_cell.angle_gamma   90.000
#
_symmetry.space_group_name_H-M   'P 1 21 1'
#
loop_
_entity.id
_entity.type
_entity.pdbx_description
1 polymer 'Carbonic anhydrase 12'
2 non-polymer 'ZINC ION'
3 non-polymer 1,2-ETHANEDIOL
4 non-polymer 4-(propylsulfanyl)benzenesulfonamide
5 water water
#
_entity_poly.entity_id   1
_entity_poly.type   'polypeptide(L)'
_entity_poly.pdbx_seq_one_letter_code
;MSKWTYFGPDGENSWSKKYPSCGGLLQSPIDLHSDILQYDASLTPLEFQGYNLSANKQFLLTNNGHSVKLNLPSDMHIQG
LQSRYSATQLHLHWGNPNDPHGSEHTVSGQHFAAELHIVHYNSDLYPDASTASNKSEGLAVLAVLIEMGSFNPSYDKIFS
HLQHVKYKGQEAFVPGFNIEELLPERTAEYYRYRGSLTTPPCNPTVLWTVFRNPVQISQEQLLALETALYCTHMDDPSPR
EMINNFRQVQKFDERLVYTSFSQ
;
_entity_poly.pdbx_strand_id   A,B,C,D
#
loop_
_chem_comp.id
_chem_comp.type
_chem_comp.name
_chem_comp.formula
EDO non-polymer 1,2-ETHANEDIOL 'C2 H6 O2'
VD9 non-polymer 4-(propylsulfanyl)benzenesulfonamide 'C9 H13 N O2 S2'
ZN non-polymer 'ZINC ION' 'Zn 2'
#
# COMPACT_ATOMS: atom_id res chain seq x y z
N LYS A 3 -12.09 34.11 -3.21
N LYS A 3 -12.29 33.30 -3.98
CA LYS A 3 -11.40 32.88 -3.66
CA LYS A 3 -10.96 32.57 -4.02
C LYS A 3 -12.24 31.64 -3.32
C LYS A 3 -11.08 31.06 -3.86
N TRP A 4 -11.64 30.67 -2.61
N TRP A 4 -11.74 30.66 -2.76
CA TRP A 4 -12.30 29.37 -2.47
CA TRP A 4 -12.32 29.33 -2.57
C TRP A 4 -13.42 29.44 -1.46
C TRP A 4 -13.38 29.42 -1.51
N THR A 5 -14.43 28.59 -1.65
CA THR A 5 -15.57 28.58 -0.75
C THR A 5 -16.02 27.13 -0.57
N TYR A 6 -17.10 26.94 0.15
CA TYR A 6 -17.73 25.64 0.28
C TYR A 6 -19.01 25.46 -0.53
N PHE A 7 -19.27 26.36 -1.48
CA PHE A 7 -20.55 26.32 -2.17
C PHE A 7 -20.30 26.98 -3.49
N GLY A 8 -21.25 26.78 -4.41
CA GLY A 8 -21.28 27.49 -5.73
C GLY A 8 -20.11 27.02 -6.61
N PRO A 9 -19.64 27.89 -7.46
CA PRO A 9 -18.63 27.66 -8.49
C PRO A 9 -17.25 27.49 -7.94
N ASP A 10 -17.03 28.03 -6.73
CA ASP A 10 -15.72 27.99 -6.15
C ASP A 10 -15.57 27.02 -4.98
N GLY A 11 -16.59 26.15 -4.87
CA GLY A 11 -16.69 25.06 -3.86
C GLY A 11 -15.71 23.95 -4.14
N GLU A 12 -15.82 22.92 -3.30
CA GLU A 12 -14.82 21.91 -3.15
C GLU A 12 -14.41 21.12 -4.38
N ASN A 13 -15.36 20.91 -5.34
CA ASN A 13 -14.96 20.15 -6.49
C ASN A 13 -14.03 20.96 -7.39
N SER A 14 -14.01 22.29 -7.15
N SER A 14 -13.95 22.28 -7.21
CA SER A 14 -13.20 23.27 -7.96
CA SER A 14 -13.02 23.05 -8.08
C SER A 14 -11.90 23.67 -7.25
C SER A 14 -11.76 23.46 -7.31
N TRP A 15 -11.65 23.22 -6.02
CA TRP A 15 -10.40 23.62 -5.34
C TRP A 15 -9.14 23.14 -6.05
N SER A 16 -9.15 22.00 -6.72
CA SER A 16 -7.92 21.47 -7.31
C SER A 16 -7.46 22.31 -8.53
N LYS A 17 -8.29 23.21 -9.02
N LYS A 17 -8.28 23.22 -9.01
CA LYS A 17 -7.80 24.06 -10.15
CA LYS A 17 -7.75 24.01 -10.14
C LYS A 17 -6.64 24.96 -9.66
C LYS A 17 -6.63 24.95 -9.66
N LYS A 18 -6.86 25.65 -8.55
CA LYS A 18 -5.82 26.54 -8.05
C LYS A 18 -4.95 25.87 -6.99
N TYR A 19 -5.42 24.80 -6.33
CA TYR A 19 -4.68 24.07 -5.29
C TYR A 19 -4.49 22.64 -5.62
N PRO A 20 -3.49 22.27 -6.40
CA PRO A 20 -3.47 20.98 -7.04
C PRO A 20 -3.44 19.89 -6.00
N SER A 21 -2.96 20.12 -4.76
CA SER A 21 -2.94 19.01 -3.80
C SER A 21 -4.36 18.56 -3.43
N CYS A 22 -5.37 19.42 -3.65
CA CYS A 22 -6.76 19.02 -3.35
C CYS A 22 -7.19 17.85 -4.18
N GLY A 23 -6.53 17.62 -5.29
CA GLY A 23 -6.79 16.42 -6.14
C GLY A 23 -5.77 15.38 -6.07
N GLY A 24 -4.88 15.48 -5.10
CA GLY A 24 -3.79 14.50 -4.90
C GLY A 24 -4.03 13.43 -3.90
N LEU A 25 -2.97 12.84 -3.40
CA LEU A 25 -3.04 11.71 -2.48
C LEU A 25 -3.30 12.21 -1.04
N LEU A 26 -3.71 11.23 -0.26
CA LEU A 26 -3.82 11.32 1.19
C LEU A 26 -4.87 12.36 1.62
N GLN A 27 -5.95 12.55 0.91
CA GLN A 27 -6.91 13.66 1.26
C GLN A 27 -7.78 13.22 2.44
N SER A 28 -8.09 14.23 3.25
CA SER A 28 -9.00 14.16 4.38
C SER A 28 -10.13 15.11 4.13
N PRO A 29 -11.29 14.92 4.82
CA PRO A 29 -11.53 13.95 5.86
C PRO A 29 -12.01 12.63 5.25
N ILE A 30 -12.25 11.63 6.09
CA ILE A 30 -12.63 10.28 5.69
C ILE A 30 -13.68 9.76 6.62
N ASP A 31 -14.33 8.69 6.18
CA ASP A 31 -15.30 7.96 7.01
C ASP A 31 -14.50 6.94 7.80
N LEU A 32 -14.64 6.97 9.09
CA LEU A 32 -14.03 6.03 9.99
C LEU A 32 -14.99 4.84 10.26
N HIS A 33 -14.74 3.73 9.59
CA HIS A 33 -15.71 2.65 9.70
C HIS A 33 -15.00 1.42 9.93
N SER A 34 -15.73 0.45 10.48
CA SER A 34 -15.16 -0.72 11.13
C SER A 34 -14.20 -1.55 10.25
N ASP A 35 -14.52 -1.71 8.94
CA ASP A 35 -13.74 -2.53 8.05
C ASP A 35 -12.31 -2.03 7.95
N ILE A 36 -12.08 -0.72 8.17
CA ILE A 36 -10.74 -0.20 7.89
C ILE A 36 -10.05 0.14 9.19
N LEU A 37 -10.66 -0.19 10.30
CA LEU A 37 -10.00 0.09 11.63
C LEU A 37 -9.07 -1.03 12.07
N GLN A 38 -7.95 -0.68 12.66
CA GLN A 38 -6.97 -1.68 13.10
C GLN A 38 -6.35 -1.21 14.39
N TYR A 39 -6.55 -1.95 15.47
CA TYR A 39 -5.92 -1.64 16.72
C TYR A 39 -4.40 -1.69 16.58
N ASP A 40 -3.73 -0.72 17.17
CA ASP A 40 -2.31 -0.65 17.17
C ASP A 40 -1.93 -0.32 18.62
N ALA A 41 -1.43 -1.33 19.34
CA ALA A 41 -0.92 -1.15 20.74
C ALA A 41 0.22 -0.11 20.87
N SER A 42 0.87 0.28 19.77
CA SER A 42 1.86 1.36 19.77
C SER A 42 1.27 2.75 20.02
N LEU A 43 -0.03 2.89 19.92
CA LEU A 43 -0.67 4.22 20.09
C LEU A 43 -0.93 4.58 21.54
N THR A 44 0.04 5.18 22.18
CA THR A 44 -0.04 5.49 23.61
C THR A 44 -0.67 6.90 23.81
N PRO A 45 -1.00 7.26 25.04
CA PRO A 45 -1.69 8.52 25.25
C PRO A 45 -0.84 9.72 24.98
N LEU A 46 -1.39 10.73 24.31
CA LEU A 46 -0.70 12.00 24.11
C LEU A 46 -0.77 12.76 25.44
N GLU A 47 0.17 13.68 25.58
CA GLU A 47 0.23 14.61 26.71
C GLU A 47 0.05 16.03 26.20
N PHE A 48 -0.83 16.82 26.83
CA PHE A 48 -1.16 18.11 26.31
C PHE A 48 -0.46 19.06 27.23
N GLN A 49 0.57 19.73 26.77
CA GLN A 49 1.43 20.55 27.62
C GLN A 49 1.32 21.97 27.30
N GLY A 50 1.22 22.87 28.30
CA GLY A 50 0.99 24.22 28.01
C GLY A 50 -0.40 24.59 27.45
N TYR A 51 -1.34 23.66 27.65
CA TYR A 51 -2.78 23.91 27.27
C TYR A 51 -3.46 24.90 28.21
N ASN A 52 -2.99 24.96 29.47
CA ASN A 52 -3.65 25.85 30.46
C ASN A 52 -3.16 27.29 30.24
N LEU A 53 -3.78 28.01 29.31
CA LEU A 53 -3.31 29.27 28.87
C LEU A 53 -3.49 30.26 30.01
N SER A 54 -2.45 31.07 30.15
CA SER A 54 -2.48 32.16 31.14
C SER A 54 -3.78 32.95 31.04
N ALA A 55 -4.56 33.07 32.13
CA ALA A 55 -5.73 33.96 32.14
C ALA A 55 -5.30 35.41 32.07
N ASN A 56 -3.97 35.66 32.16
CA ASN A 56 -3.41 37.04 32.04
C ASN A 56 -2.90 37.40 30.67
N LYS A 57 -2.97 36.43 29.72
CA LYS A 57 -2.71 36.71 28.33
C LYS A 57 -4.02 36.72 27.50
N GLN A 58 -4.01 37.40 26.39
CA GLN A 58 -5.17 37.41 25.44
C GLN A 58 -4.77 36.78 24.14
N PHE A 59 -5.71 36.01 23.56
CA PHE A 59 -5.45 35.30 22.28
C PHE A 59 -6.39 35.75 21.21
N LEU A 60 -5.88 35.93 20.01
CA LEU A 60 -6.57 36.57 18.91
C LEU A 60 -7.60 35.60 18.26
N LEU A 61 -8.87 35.95 18.30
CA LEU A 61 -9.93 35.26 17.57
C LEU A 61 -10.23 35.99 16.31
N THR A 62 -10.30 35.27 15.19
N THR A 62 -10.29 35.28 15.17
CA THR A 62 -10.53 35.90 13.92
CA THR A 62 -10.57 35.94 13.91
C THR A 62 -11.69 35.15 13.23
C THR A 62 -11.50 35.15 13.02
N ASN A 63 -12.42 35.85 12.38
CA ASN A 63 -13.27 35.21 11.34
C ASN A 63 -12.46 35.38 10.07
N ASN A 64 -11.97 34.27 9.54
CA ASN A 64 -11.15 34.35 8.34
C ASN A 64 -11.93 34.09 7.04
N GLY A 65 -13.26 34.14 7.11
CA GLY A 65 -14.14 33.94 5.97
C GLY A 65 -14.42 32.45 5.70
N HIS A 66 -13.77 31.54 6.43
CA HIS A 66 -13.98 30.11 6.26
C HIS A 66 -14.33 29.44 7.56
N SER A 67 -13.97 29.99 8.72
CA SER A 67 -14.26 29.44 10.03
C SER A 67 -13.99 30.57 11.02
N VAL A 68 -14.15 30.24 12.28
CA VAL A 68 -13.66 31.12 13.33
C VAL A 68 -12.39 30.41 13.85
N LYS A 69 -11.31 31.21 13.97
CA LYS A 69 -10.05 30.65 14.44
C LYS A 69 -9.50 31.39 15.63
N LEU A 70 -8.98 30.62 16.58
CA LEU A 70 -8.28 31.19 17.78
C LEU A 70 -6.81 30.94 17.60
N ASN A 71 -5.95 32.00 17.63
CA ASN A 71 -4.53 31.80 17.58
C ASN A 71 -4.01 31.26 18.93
N LEU A 72 -3.10 30.32 18.86
CA LEU A 72 -2.58 29.67 20.05
C LEU A 72 -1.05 29.93 20.13
N PRO A 73 -0.48 29.84 21.35
CA PRO A 73 0.96 30.14 21.48
C PRO A 73 1.81 28.90 21.26
N SER A 74 3.01 29.15 20.77
CA SER A 74 3.86 28.02 20.43
C SER A 74 4.47 27.29 21.62
N ASP A 75 4.35 27.78 22.86
CA ASP A 75 4.72 26.94 23.99
C ASP A 75 3.71 25.85 24.36
N MET A 76 2.49 25.94 23.77
CA MET A 76 1.48 24.87 23.91
C MET A 76 1.88 23.81 22.88
N HIS A 77 1.94 22.61 23.35
CA HIS A 77 2.36 21.49 22.47
C HIS A 77 1.86 20.18 22.90
N ILE A 78 1.92 19.24 21.96
CA ILE A 78 1.69 17.78 22.16
C ILE A 78 2.98 17.06 22.44
N GLN A 79 3.02 16.27 23.52
CA GLN A 79 4.12 15.38 23.73
C GLN A 79 3.62 13.98 23.48
N GLY A 80 4.48 13.12 22.97
CA GLY A 80 4.10 11.71 22.79
C GLY A 80 4.25 11.25 21.34
N LEU A 81 4.38 12.18 20.40
CA LEU A 81 4.70 11.87 19.01
C LEU A 81 6.23 11.86 18.89
N GLN A 82 6.72 11.52 17.72
CA GLN A 82 8.18 11.44 17.58
C GLN A 82 8.90 12.73 17.82
N SER A 83 8.28 13.75 17.20
CA SER A 83 8.75 15.10 17.32
C SER A 83 7.76 15.84 18.18
N ARG A 84 8.19 16.98 18.74
CA ARG A 84 7.22 17.85 19.37
C ARG A 84 6.46 18.59 18.32
N TYR A 85 5.10 18.64 18.53
CA TYR A 85 4.26 19.47 17.72
C TYR A 85 3.62 20.61 18.53
N SER A 86 3.93 21.82 18.10
CA SER A 86 3.49 23.03 18.87
C SER A 86 2.25 23.60 18.26
N ALA A 87 1.39 24.14 19.12
CA ALA A 87 0.08 24.61 18.65
C ALA A 87 0.24 25.86 17.83
N THR A 88 -0.67 26.05 16.88
CA THR A 88 -0.73 27.31 16.12
C THR A 88 -2.14 27.95 16.15
N GLN A 89 -3.21 27.12 16.03
CA GLN A 89 -4.56 27.71 16.05
C GLN A 89 -5.55 26.58 16.21
N LEU A 90 -6.72 26.97 16.69
CA LEU A 90 -7.89 26.11 16.64
C LEU A 90 -9.00 26.72 15.90
N HIS A 91 -9.91 25.87 15.40
CA HIS A 91 -11.06 26.37 14.65
C HIS A 91 -12.12 25.26 14.53
N LEU A 92 -13.28 25.63 13.98
CA LEU A 92 -14.39 24.66 13.97
C LEU A 92 -15.01 24.52 12.58
N HIS A 93 -15.76 23.44 12.44
CA HIS A 93 -16.58 23.19 11.17
C HIS A 93 -17.95 22.79 11.59
N TRP A 94 -18.95 23.19 10.84
CA TRP A 94 -20.33 22.88 11.26
C TRP A 94 -21.25 22.88 10.06
N GLY A 95 -22.50 22.50 10.32
CA GLY A 95 -23.52 22.41 9.22
C GLY A 95 -24.45 23.63 9.18
N ASN A 96 -25.75 23.38 9.43
CA ASN A 96 -26.71 24.54 9.40
C ASN A 96 -27.96 24.09 10.16
N PRO A 97 -28.83 25.04 10.54
CA PRO A 97 -29.88 24.59 11.42
C PRO A 97 -30.88 23.63 10.78
N ASN A 98 -31.02 23.62 9.48
CA ASN A 98 -31.90 22.63 8.80
C ASN A 98 -31.31 21.26 8.62
N ASP A 99 -29.97 21.18 8.76
CA ASP A 99 -29.23 19.95 8.64
C ASP A 99 -27.96 20.03 9.55
N PRO A 100 -28.13 19.85 10.85
CA PRO A 100 -27.12 20.27 11.85
C PRO A 100 -26.14 19.15 12.07
N HIS A 101 -25.51 18.75 10.98
CA HIS A 101 -24.56 17.56 10.96
C HIS A 101 -23.40 17.80 10.13
N GLY A 102 -22.59 18.72 10.60
CA GLY A 102 -21.49 19.24 9.84
C GLY A 102 -20.06 18.95 10.31
N SER A 103 -19.85 17.86 11.02
CA SER A 103 -18.51 17.37 11.19
C SER A 103 -17.83 17.03 9.85
N GLU A 104 -16.52 17.02 9.87
CA GLU A 104 -15.80 16.62 8.66
C GLU A 104 -15.58 15.15 8.64
N HIS A 105 -14.97 14.58 9.66
CA HIS A 105 -14.93 13.07 9.74
C HIS A 105 -16.29 12.55 10.06
N THR A 106 -16.57 11.34 9.59
CA THR A 106 -17.81 10.61 9.94
C THR A 106 -17.37 9.32 10.57
N VAL A 107 -18.31 8.72 11.34
CA VAL A 107 -18.03 7.43 12.00
C VAL A 107 -19.17 6.45 11.58
N SER A 108 -18.78 5.40 10.87
CA SER A 108 -19.77 4.43 10.31
C SER A 108 -20.77 5.19 9.51
N GLY A 109 -20.30 6.19 8.77
CA GLY A 109 -21.14 6.88 7.78
C GLY A 109 -21.92 8.08 8.36
N GLN A 110 -21.84 8.26 9.68
CA GLN A 110 -22.57 9.31 10.36
C GLN A 110 -21.79 10.59 10.71
N HIS A 111 -22.33 11.74 10.37
CA HIS A 111 -21.76 12.97 10.79
C HIS A 111 -22.15 13.28 12.20
N PHE A 112 -21.27 13.90 12.91
CA PHE A 112 -21.58 14.58 14.16
C PHE A 112 -21.99 16.02 13.86
N ALA A 113 -22.51 16.76 14.86
CA ALA A 113 -23.00 18.08 14.60
C ALA A 113 -21.93 19.02 14.11
N ALA A 114 -20.75 18.90 14.71
CA ALA A 114 -19.64 19.84 14.42
C ALA A 114 -18.33 19.18 14.76
N GLU A 115 -17.25 19.91 14.43
CA GLU A 115 -15.91 19.31 14.72
C GLU A 115 -14.95 20.40 15.05
N LEU A 116 -14.16 20.25 16.11
CA LEU A 116 -13.08 21.20 16.52
C LEU A 116 -11.75 20.60 16.04
N HIS A 117 -10.92 21.44 15.47
CA HIS A 117 -9.53 21.13 15.06
C HIS A 117 -8.54 21.93 15.75
N ILE A 118 -7.63 21.30 16.50
CA ILE A 118 -6.51 22.04 17.18
C ILE A 118 -5.27 21.73 16.35
N VAL A 119 -4.77 22.71 15.68
CA VAL A 119 -3.71 22.54 14.62
C VAL A 119 -2.38 22.74 15.31
N HIS A 120 -1.46 21.83 15.04
CA HIS A 120 -0.04 21.92 15.57
C HIS A 120 0.91 21.70 14.42
N TYR A 121 2.15 22.22 14.59
CA TYR A 121 3.21 21.98 13.59
C TYR A 121 4.45 21.40 14.26
N ASN A 122 5.30 20.76 13.44
CA ASN A 122 6.52 20.08 13.93
C ASN A 122 7.56 21.19 14.15
N SER A 123 7.67 21.63 15.40
CA SER A 123 8.57 22.70 15.74
C SER A 123 9.99 22.12 15.99
N ASP A 124 10.19 20.81 16.09
CA ASP A 124 11.58 20.32 16.17
C ASP A 124 12.19 20.42 14.78
N LEU A 125 11.42 20.28 13.72
CA LEU A 125 12.00 20.29 12.34
C LEU A 125 11.88 21.64 11.68
N TYR A 126 10.84 22.46 12.05
CA TYR A 126 10.48 23.65 11.27
C TYR A 126 10.23 24.85 12.17
N PRO A 127 10.44 26.04 11.63
CA PRO A 127 10.43 27.21 12.53
C PRO A 127 9.07 27.80 12.88
N ASP A 128 8.08 27.50 12.03
CA ASP A 128 6.74 28.03 12.19
C ASP A 128 5.76 27.20 11.34
N ALA A 129 4.48 27.41 11.60
CA ALA A 129 3.45 26.56 10.99
C ALA A 129 3.42 26.78 9.49
N SER A 130 3.63 28.01 9.04
CA SER A 130 3.57 28.25 7.59
C SER A 130 4.68 27.43 6.89
N THR A 131 5.90 27.47 7.41
CA THR A 131 6.97 26.72 6.75
C THR A 131 6.67 25.22 6.85
N ALA A 132 6.16 24.74 8.02
CA ALA A 132 5.93 23.28 8.16
C ALA A 132 4.80 22.76 7.25
N SER A 133 3.93 23.63 6.86
CA SER A 133 2.62 23.18 6.33
C SER A 133 2.70 22.30 5.09
N ASN A 134 3.72 22.49 4.26
CA ASN A 134 3.92 21.73 3.03
C ASN A 134 5.10 20.82 3.07
N LYS A 135 5.53 20.44 4.27
CA LYS A 135 6.68 19.59 4.48
C LYS A 135 6.42 18.33 5.16
N SER A 136 7.30 17.36 4.96
CA SER A 136 7.21 16.06 5.51
C SER A 136 7.08 16.10 7.03
N GLU A 137 6.09 15.36 7.53
CA GLU A 137 5.85 15.34 8.99
C GLU A 137 5.55 16.74 9.50
N GLY A 138 4.95 17.59 8.69
CA GLY A 138 4.88 18.95 9.09
C GLY A 138 3.85 19.27 10.16
N LEU A 139 2.66 18.63 10.09
CA LEU A 139 1.49 19.09 10.88
C LEU A 139 0.88 17.92 11.63
N ALA A 140 0.20 18.24 12.74
CA ALA A 140 -0.56 17.27 13.49
C ALA A 140 -1.83 18.02 13.91
N VAL A 141 -2.99 17.46 13.64
CA VAL A 141 -4.25 18.11 14.06
C VAL A 141 -4.98 17.14 14.96
N LEU A 142 -5.53 17.69 16.05
CA LEU A 142 -6.40 16.92 16.93
C LEU A 142 -7.79 17.26 16.51
N ALA A 143 -8.66 16.26 16.44
CA ALA A 143 -10.11 16.53 16.10
C ALA A 143 -10.98 16.01 17.21
N VAL A 144 -11.90 16.93 17.60
CA VAL A 144 -12.92 16.56 18.59
C VAL A 144 -14.27 16.57 17.89
N LEU A 145 -14.99 15.47 17.98
CA LEU A 145 -16.38 15.43 17.43
C LEU A 145 -17.32 16.09 18.44
N ILE A 146 -18.27 16.84 17.95
CA ILE A 146 -19.23 17.59 18.79
C ILE A 146 -20.65 17.16 18.51
N GLU A 147 -21.42 16.88 19.58
CA GLU A 147 -22.85 16.53 19.42
C GLU A 147 -23.65 17.45 20.35
N MET A 148 -24.94 17.61 20.01
N MET A 148 -24.93 17.60 20.02
CA MET A 148 -25.82 18.32 20.93
CA MET A 148 -25.89 18.26 20.91
C MET A 148 -26.03 17.50 22.23
C MET A 148 -26.03 17.48 22.23
N GLY A 149 -26.12 18.21 23.34
CA GLY A 149 -26.33 17.57 24.65
C GLY A 149 -26.42 18.70 25.67
N SER A 150 -25.72 18.48 26.77
N SER A 150 -25.79 18.49 26.82
CA SER A 150 -25.52 19.48 27.80
CA SER A 150 -25.83 19.50 27.84
C SER A 150 -24.83 20.80 27.40
C SER A 150 -24.91 20.68 27.51
N PHE A 151 -25.25 21.89 28.01
CA PHE A 151 -24.48 23.11 27.93
C PHE A 151 -23.01 22.84 28.36
N ASN A 152 -22.10 23.42 27.58
CA ASN A 152 -20.68 23.23 27.83
C ASN A 152 -19.96 24.58 28.12
N PRO A 153 -19.69 24.85 29.46
CA PRO A 153 -19.15 26.12 29.79
C PRO A 153 -17.78 26.42 29.13
N SER A 154 -17.03 25.34 28.90
CA SER A 154 -15.71 25.57 28.29
C SER A 154 -15.79 26.02 26.85
N TYR A 155 -16.68 25.36 26.07
CA TYR A 155 -16.83 25.85 24.70
C TYR A 155 -17.40 27.28 24.69
N ASP A 156 -18.23 27.61 25.70
CA ASP A 156 -18.70 28.98 25.74
C ASP A 156 -17.62 30.06 25.98
N LYS A 157 -16.44 29.65 26.47
CA LYS A 157 -15.32 30.59 26.51
C LYS A 157 -14.89 31.03 25.13
N ILE A 158 -15.23 30.24 24.12
CA ILE A 158 -15.04 30.69 22.76
C ILE A 158 -16.33 31.30 22.24
N PHE A 159 -17.44 30.55 22.36
CA PHE A 159 -18.70 30.97 21.71
C PHE A 159 -19.25 32.34 22.20
N SER A 160 -18.88 32.73 23.43
CA SER A 160 -19.33 34.07 23.94
C SER A 160 -18.69 35.23 23.20
N HIS A 161 -17.65 34.97 22.40
CA HIS A 161 -17.02 36.00 21.63
C HIS A 161 -17.47 36.04 20.17
N LEU A 162 -18.31 35.08 19.74
CA LEU A 162 -18.66 35.04 18.36
C LEU A 162 -19.28 36.35 17.82
N GLN A 163 -20.08 37.03 18.62
CA GLN A 163 -20.74 38.21 18.05
C GLN A 163 -19.72 39.32 17.71
N HIS A 164 -18.58 39.33 18.37
CA HIS A 164 -17.53 40.26 17.95
C HIS A 164 -16.76 39.86 16.68
N VAL A 165 -16.96 38.63 16.15
CA VAL A 165 -16.22 38.30 14.92
C VAL A 165 -17.22 37.83 13.87
N LYS A 166 -18.34 38.55 13.80
CA LYS A 166 -19.44 38.21 12.90
C LYS A 166 -19.05 38.18 11.39
N TYR A 167 -18.23 39.15 10.93
CA TYR A 167 -17.92 39.31 9.52
C TYR A 167 -16.45 38.98 9.22
N LYS A 168 -16.18 38.63 7.97
CA LYS A 168 -14.86 38.29 7.56
C LYS A 168 -13.86 39.42 7.87
N GLY A 169 -12.71 39.09 8.45
CA GLY A 169 -11.76 40.15 8.82
C GLY A 169 -11.81 40.59 10.25
N GLN A 170 -12.94 40.47 10.91
CA GLN A 170 -13.05 40.94 12.28
C GLN A 170 -12.29 40.09 13.26
N GLU A 171 -11.91 40.67 14.40
N GLU A 171 -11.97 40.70 14.41
CA GLU A 171 -10.94 40.06 15.34
CA GLU A 171 -11.18 40.06 15.44
C GLU A 171 -11.32 40.49 16.73
C GLU A 171 -11.69 40.37 16.80
N ALA A 172 -11.22 39.58 17.72
CA ALA A 172 -11.54 39.81 19.14
C ALA A 172 -10.47 39.16 19.97
N PHE A 173 -10.43 39.51 21.25
CA PHE A 173 -9.43 38.94 22.13
C PHE A 173 -10.11 38.04 23.14
N VAL A 174 -9.56 36.83 23.29
CA VAL A 174 -10.07 35.91 24.20
C VAL A 174 -9.07 35.65 25.31
N PRO A 175 -9.45 35.87 26.60
CA PRO A 175 -8.51 35.59 27.75
C PRO A 175 -8.12 34.15 27.82
N GLY A 176 -6.87 33.85 28.08
CA GLY A 176 -6.48 32.49 28.17
C GLY A 176 -7.40 31.67 29.06
N PHE A 177 -7.67 30.44 28.65
CA PHE A 177 -8.27 29.39 29.44
C PHE A 177 -7.67 27.98 29.14
N ASN A 178 -8.05 26.97 29.89
CA ASN A 178 -7.45 25.65 29.73
C ASN A 178 -8.06 24.96 28.46
N ILE A 179 -7.28 25.00 27.39
CA ILE A 179 -7.80 24.37 26.14
C ILE A 179 -8.05 22.88 26.37
N GLU A 180 -7.40 22.16 27.31
CA GLU A 180 -7.74 20.78 27.51
C GLU A 180 -9.25 20.56 27.93
N GLU A 181 -9.90 21.66 28.41
CA GLU A 181 -11.31 21.53 28.74
C GLU A 181 -12.19 21.28 27.49
N LEU A 182 -11.62 21.54 26.31
CA LEU A 182 -12.40 21.29 25.06
C LEU A 182 -12.24 19.89 24.57
N LEU A 183 -11.36 19.10 25.16
CA LEU A 183 -11.22 17.69 24.80
C LEU A 183 -12.22 16.79 25.45
N PRO A 184 -12.56 15.66 24.86
CA PRO A 184 -13.52 14.75 25.37
C PRO A 184 -12.93 13.87 26.48
N GLU A 185 -13.85 13.03 26.98
CA GLU A 185 -13.44 12.01 27.93
C GLU A 185 -12.55 10.97 27.29
N ARG A 186 -11.60 10.41 28.05
CA ARG A 186 -10.82 9.28 27.64
C ARG A 186 -10.12 9.59 26.31
N THR A 187 -9.36 10.65 26.41
CA THR A 187 -8.46 11.08 25.30
C THR A 187 -7.47 10.00 24.95
N ALA A 188 -7.18 9.03 25.82
CA ALA A 188 -6.35 7.90 25.38
C ALA A 188 -6.95 7.11 24.17
N GLU A 189 -8.29 7.25 23.95
CA GLU A 189 -9.03 6.49 22.93
C GLU A 189 -9.13 7.38 21.70
N TYR A 190 -8.44 6.97 20.65
CA TYR A 190 -8.45 7.78 19.38
C TYR A 190 -8.19 6.96 18.15
N TYR A 191 -8.54 7.57 17.01
CA TYR A 191 -8.21 7.12 15.65
C TYR A 191 -7.03 7.88 15.15
N ARG A 192 -6.17 7.23 14.39
CA ARG A 192 -4.96 7.90 13.93
C ARG A 192 -4.70 7.48 12.47
N TYR A 193 -4.44 8.50 11.63
CA TYR A 193 -4.10 8.17 10.20
C TYR A 193 -3.34 9.33 9.66
N ARG A 194 -2.63 9.09 8.55
CA ARG A 194 -1.95 10.15 7.79
C ARG A 194 -2.86 10.70 6.70
N GLY A 195 -3.05 12.03 6.72
CA GLY A 195 -3.92 12.68 5.78
C GLY A 195 -3.50 14.04 5.41
N SER A 196 -4.47 14.90 5.25
CA SER A 196 -4.24 16.20 4.64
C SER A 196 -4.97 17.32 5.38
N LEU A 197 -4.61 18.57 5.11
CA LEU A 197 -5.48 19.73 5.42
C LEU A 197 -6.83 19.47 4.74
N THR A 198 -7.94 19.83 5.36
CA THR A 198 -9.24 19.64 4.74
C THR A 198 -9.73 20.84 4.00
N THR A 199 -8.90 21.87 3.97
CA THR A 199 -9.15 23.01 3.14
C THR A 199 -7.94 23.31 2.29
N PRO A 200 -8.18 24.12 1.23
CA PRO A 200 -6.96 24.52 0.47
C PRO A 200 -5.90 25.07 1.46
N PRO A 201 -4.66 24.75 1.22
CA PRO A 201 -4.10 24.13 -0.03
C PRO A 201 -4.15 22.61 -0.04
N CYS A 202 -4.74 21.96 1.00
CA CYS A 202 -4.96 20.48 1.07
C CYS A 202 -3.66 19.68 1.14
N ASN A 203 -2.61 20.29 1.69
N ASN A 203 -2.61 20.27 1.71
CA ASN A 203 -1.31 19.64 1.73
CA ASN A 203 -1.35 19.53 1.71
C ASN A 203 -1.43 18.29 2.45
C ASN A 203 -1.44 18.26 2.46
N PRO A 204 -0.83 17.20 1.94
CA PRO A 204 -0.91 15.90 2.53
C PRO A 204 0.10 15.66 3.61
N THR A 205 0.11 16.60 4.55
CA THR A 205 1.21 16.62 5.57
C THR A 205 0.67 16.56 7.00
N VAL A 206 -0.57 16.04 7.18
CA VAL A 206 -1.19 15.99 8.52
C VAL A 206 -1.25 14.68 9.10
N LEU A 207 -0.74 14.54 10.31
CA LEU A 207 -0.98 13.39 11.18
C LEU A 207 -2.23 13.65 11.95
N TRP A 208 -3.30 12.93 11.61
CA TRP A 208 -4.64 13.14 12.26
C TRP A 208 -4.76 12.30 13.50
N THR A 209 -5.36 12.93 14.53
CA THR A 209 -5.75 12.19 15.75
C THR A 209 -7.22 12.59 15.94
N VAL A 210 -8.14 11.63 15.80
CA VAL A 210 -9.58 11.98 15.98
C VAL A 210 -9.99 11.23 17.22
N PHE A 211 -10.35 11.99 18.28
CA PHE A 211 -10.74 11.29 19.53
C PHE A 211 -11.98 10.44 19.34
N ARG A 212 -11.98 9.25 19.95
N ARG A 212 -11.98 9.25 19.96
CA ARG A 212 -13.10 8.34 19.86
CA ARG A 212 -13.13 8.34 19.84
C ARG A 212 -14.43 8.94 20.40
C ARG A 212 -14.45 8.95 20.40
N ASN A 213 -14.37 9.69 21.52
CA ASN A 213 -15.62 10.16 22.19
C ASN A 213 -15.89 11.59 21.81
N PRO A 214 -17.20 11.90 21.55
CA PRO A 214 -17.53 13.26 21.29
C PRO A 214 -17.71 14.06 22.63
N VAL A 215 -17.69 15.35 22.46
CA VAL A 215 -18.12 16.32 23.50
C VAL A 215 -19.56 16.73 23.21
N GLN A 216 -20.21 17.32 24.21
N GLN A 216 -20.24 17.28 24.19
CA GLN A 216 -21.52 17.96 24.04
CA GLN A 216 -21.58 17.79 23.99
C GLN A 216 -21.52 19.41 24.19
C GLN A 216 -21.61 19.27 24.23
N ILE A 217 -22.41 20.01 23.41
CA ILE A 217 -22.75 21.43 23.57
C ILE A 217 -24.27 21.56 23.50
N SER A 218 -24.79 22.64 24.07
CA SER A 218 -26.25 22.65 24.06
C SER A 218 -26.85 22.99 22.70
N GLN A 219 -28.16 22.73 22.59
CA GLN A 219 -28.81 23.14 21.35
C GLN A 219 -28.68 24.63 21.06
N GLU A 220 -28.71 25.51 22.06
CA GLU A 220 -28.54 26.86 21.86
C GLU A 220 -27.09 27.22 21.42
N GLN A 221 -26.11 26.51 22.04
CA GLN A 221 -24.72 26.82 21.67
C GLN A 221 -24.47 26.39 20.19
N LEU A 222 -25.07 25.28 19.80
CA LEU A 222 -24.85 24.77 18.43
C LEU A 222 -25.51 25.76 17.48
N LEU A 223 -26.73 26.25 17.85
CA LEU A 223 -27.46 27.19 17.00
C LEU A 223 -26.67 28.48 16.85
N ALA A 224 -26.05 28.96 17.94
CA ALA A 224 -25.27 30.16 17.88
C ALA A 224 -24.09 30.03 16.91
N LEU A 225 -23.38 28.90 17.05
CA LEU A 225 -22.22 28.64 16.15
C LEU A 225 -22.69 28.65 14.68
N GLU A 226 -23.85 27.99 14.41
CA GLU A 226 -24.38 27.94 13.04
C GLU A 226 -24.91 29.24 12.46
N THR A 227 -25.26 30.18 13.34
CA THR A 227 -25.99 31.37 12.90
C THR A 227 -25.21 32.67 13.18
N ALA A 228 -24.08 32.66 13.93
CA ALA A 228 -23.45 33.89 14.35
C ALA A 228 -22.61 34.54 13.30
N LEU A 229 -22.11 33.77 12.29
CA LEU A 229 -21.03 34.29 11.43
C LEU A 229 -21.39 34.37 10.01
N TYR A 230 -20.74 35.30 9.33
CA TYR A 230 -20.85 35.42 7.89
C TYR A 230 -19.52 35.21 7.20
N CYS A 231 -19.49 34.74 5.96
CA CYS A 231 -18.23 34.53 5.37
C CYS A 231 -17.83 35.74 4.53
N THR A 232 -18.71 36.75 4.56
CA THR A 232 -18.49 38.00 3.83
C THR A 232 -18.05 39.17 4.76
N HIS A 233 -17.44 40.20 4.13
CA HIS A 233 -17.07 41.44 4.84
C HIS A 233 -18.33 42.19 5.25
N MET A 234 -18.22 42.94 6.36
CA MET A 234 -19.37 43.73 6.91
C MET A 234 -20.10 44.57 5.88
N ASP A 235 -19.35 45.16 4.94
CA ASP A 235 -19.99 46.09 4.01
C ASP A 235 -20.25 45.46 2.63
N ASP A 236 -20.23 44.14 2.57
CA ASP A 236 -20.59 43.43 1.35
C ASP A 236 -22.08 43.57 1.14
N PRO A 237 -22.51 44.15 -0.01
CA PRO A 237 -23.95 44.35 -0.19
C PRO A 237 -24.68 43.00 -0.44
N SER A 238 -23.94 41.91 -0.54
CA SER A 238 -24.57 40.59 -0.69
C SER A 238 -24.12 39.57 0.35
N PRO A 239 -24.64 39.70 1.57
CA PRO A 239 -23.95 38.88 2.63
C PRO A 239 -24.27 37.42 2.48
N ARG A 240 -23.35 36.57 2.94
CA ARG A 240 -23.55 35.10 2.96
C ARG A 240 -23.29 34.60 4.38
N GLU A 241 -24.22 33.81 4.87
CA GLU A 241 -24.04 33.17 6.19
C GLU A 241 -22.95 32.07 6.12
N MET A 242 -22.12 31.99 7.16
CA MET A 242 -21.09 30.94 7.22
C MET A 242 -21.74 29.70 7.80
N ILE A 243 -22.06 28.78 6.91
CA ILE A 243 -22.70 27.52 7.22
C ILE A 243 -22.09 26.40 6.36
N ASN A 244 -22.22 25.15 6.79
CA ASN A 244 -21.82 24.00 5.91
C ASN A 244 -20.36 24.16 5.47
N ASN A 245 -19.50 24.53 6.47
CA ASN A 245 -18.09 24.77 6.13
C ASN A 245 -17.31 23.53 6.44
N PHE A 246 -17.67 22.41 5.88
CA PHE A 246 -16.95 21.13 6.03
C PHE A 246 -16.79 20.59 4.60
N ARG A 247 -15.73 19.79 4.51
CA ARG A 247 -15.45 19.10 3.21
C ARG A 247 -16.16 17.75 3.19
N GLN A 248 -16.70 17.32 2.05
CA GLN A 248 -17.16 15.93 1.97
C GLN A 248 -16.07 14.90 2.20
N VAL A 249 -16.43 13.72 2.68
CA VAL A 249 -15.44 12.67 2.89
C VAL A 249 -14.80 12.23 1.58
N GLN A 250 -13.53 11.86 1.67
CA GLN A 250 -12.74 11.47 0.46
C GLN A 250 -12.68 9.95 0.40
N LYS A 251 -12.41 9.48 -0.83
CA LYS A 251 -12.13 8.05 -0.97
C LYS A 251 -10.91 7.65 -0.15
N PHE A 252 -10.94 6.46 0.43
CA PHE A 252 -9.78 6.01 1.27
C PHE A 252 -9.65 4.53 1.00
N ASP A 253 -8.79 4.14 0.08
CA ASP A 253 -8.81 2.68 -0.31
C ASP A 253 -7.47 2.03 -0.11
N GLU A 254 -7.53 0.76 0.31
N GLU A 254 -7.49 0.75 0.26
CA GLU A 254 -6.35 -0.06 0.59
CA GLU A 254 -6.25 0.00 0.54
C GLU A 254 -5.51 0.61 1.69
C GLU A 254 -5.49 0.64 1.69
N ARG A 255 -6.21 1.27 2.62
CA ARG A 255 -5.56 1.95 3.78
C ARG A 255 -6.32 1.64 5.07
N LEU A 256 -5.60 1.69 6.19
CA LEU A 256 -6.16 1.52 7.47
C LEU A 256 -6.15 2.88 8.24
N VAL A 257 -7.12 2.91 9.13
CA VAL A 257 -7.05 3.86 10.25
C VAL A 257 -6.71 3.08 11.51
N TYR A 258 -5.73 3.50 12.24
CA TYR A 258 -5.28 2.78 13.39
C TYR A 258 -6.00 3.29 14.58
N THR A 259 -6.31 2.43 15.53
CA THR A 259 -7.05 2.84 16.74
C THR A 259 -6.23 2.54 17.98
N SER A 260 -6.32 3.34 19.01
CA SER A 260 -5.62 3.10 20.25
C SER A 260 -6.46 2.22 21.14
N PHE A 261 -7.64 1.86 20.71
CA PHE A 261 -8.56 1.06 21.54
C PHE A 261 -8.91 -0.13 20.70
N SER A 262 -9.21 -1.26 21.33
CA SER A 262 -9.74 -2.34 20.49
C SER A 262 -11.22 -2.49 20.83
N GLN A 263 -11.50 -2.65 22.12
CA GLN A 263 -12.86 -2.91 22.62
C GLN A 263 -13.96 -2.00 22.02
N LYS B 3 -9.96 10.72 -20.52
CA LYS B 3 -9.01 10.07 -19.59
C LYS B 3 -9.37 10.39 -18.14
N TRP B 4 -10.55 11.02 -17.87
CA TRP B 4 -11.00 11.09 -16.47
C TRP B 4 -11.14 9.70 -15.96
N THR B 5 -10.95 9.60 -14.64
CA THR B 5 -10.99 8.25 -13.97
C THR B 5 -11.74 8.41 -12.60
N TYR B 6 -11.79 7.35 -11.82
CA TYR B 6 -12.25 7.45 -10.45
C TYR B 6 -11.11 7.37 -9.38
N PHE B 7 -9.84 7.40 -9.83
CA PHE B 7 -8.76 7.23 -8.86
C PHE B 7 -7.53 7.89 -9.39
N GLY B 8 -6.83 8.64 -8.54
CA GLY B 8 -5.53 9.19 -8.95
C GLY B 8 -5.67 10.62 -9.40
N PRO B 9 -4.72 11.12 -10.16
CA PRO B 9 -4.69 12.50 -10.55
C PRO B 9 -5.79 12.95 -11.44
N ASP B 10 -6.42 12.01 -12.18
CA ASP B 10 -7.53 12.32 -13.03
C ASP B 10 -8.91 11.91 -12.41
N GLY B 11 -8.85 11.72 -11.09
CA GLY B 11 -10.09 11.29 -10.33
C GLY B 11 -11.01 12.48 -10.08
N GLU B 12 -12.05 12.21 -9.26
CA GLU B 12 -13.18 13.03 -9.24
C GLU B 12 -12.99 14.48 -8.71
N ASN B 13 -11.96 14.68 -7.84
CA ASN B 13 -11.69 16.08 -7.39
C ASN B 13 -11.09 16.95 -8.50
N SER B 14 -10.68 16.24 -9.57
CA SER B 14 -10.09 16.97 -10.76
C SER B 14 -11.01 17.07 -11.89
N TRP B 15 -12.18 16.44 -11.90
CA TRP B 15 -13.00 16.50 -13.12
C TRP B 15 -13.38 17.86 -13.49
N SER B 16 -13.59 18.77 -12.57
CA SER B 16 -14.01 20.14 -12.86
C SER B 16 -12.97 20.95 -13.67
N LYS B 17 -11.72 20.47 -13.69
CA LYS B 17 -10.66 21.16 -14.46
C LYS B 17 -11.04 21.07 -15.91
N LYS B 18 -11.60 19.98 -16.41
CA LYS B 18 -11.95 19.81 -17.85
C LYS B 18 -13.46 19.90 -18.11
N TYR B 19 -14.29 19.65 -17.07
CA TYR B 19 -15.75 19.55 -17.19
C TYR B 19 -16.37 20.49 -16.21
N PRO B 20 -16.57 21.76 -16.54
CA PRO B 20 -16.96 22.73 -15.57
C PRO B 20 -18.27 22.40 -14.84
N SER B 21 -19.19 21.66 -15.46
CA SER B 21 -20.44 21.41 -14.71
C SER B 21 -20.14 20.50 -13.49
N CYS B 22 -19.07 19.75 -13.47
CA CYS B 22 -18.75 18.91 -12.30
C CYS B 22 -18.55 19.73 -11.09
N GLY B 23 -18.20 21.04 -11.23
CA GLY B 23 -18.04 21.98 -10.10
C GLY B 23 -19.19 22.89 -9.95
N GLY B 24 -20.29 22.63 -10.66
CA GLY B 24 -21.45 23.51 -10.63
C GLY B 24 -22.51 23.04 -9.65
N LEU B 25 -23.69 23.53 -9.87
CA LEU B 25 -24.72 23.21 -8.89
C LEU B 25 -25.42 21.94 -9.31
N LEU B 26 -26.29 21.50 -8.39
CA LEU B 26 -27.21 20.39 -8.65
C LEU B 26 -26.51 19.04 -8.89
N GLN B 27 -25.41 18.81 -8.22
CA GLN B 27 -24.65 17.57 -8.50
C GLN B 27 -25.19 16.33 -7.78
N SER B 28 -25.05 15.21 -8.42
CA SER B 28 -25.33 13.91 -7.87
C SER B 28 -24.13 13.10 -7.79
N PRO B 29 -24.07 12.02 -7.03
CA PRO B 29 -25.17 11.52 -6.11
C PRO B 29 -25.18 12.28 -4.80
N ILE B 30 -26.16 11.88 -3.99
CA ILE B 30 -26.34 12.49 -2.65
C ILE B 30 -26.63 11.36 -1.66
N ASP B 31 -26.42 11.74 -0.37
CA ASP B 31 -26.85 10.96 0.78
C ASP B 31 -28.31 11.25 1.10
N LEU B 32 -29.10 10.16 1.08
CA LEU B 32 -30.55 10.30 1.40
C LEU B 32 -30.73 10.17 2.88
N HIS B 33 -31.03 11.24 3.62
CA HIS B 33 -31.12 11.12 5.07
C HIS B 33 -32.26 12.03 5.46
N SER B 34 -32.75 11.77 6.70
CA SER B 34 -34.06 12.31 7.14
C SER B 34 -34.14 13.83 7.06
N ASP B 35 -33.08 14.59 7.37
CA ASP B 35 -33.23 16.04 7.43
C ASP B 35 -33.58 16.71 6.17
N ILE B 36 -33.36 16.02 5.04
CA ILE B 36 -33.58 16.62 3.79
C ILE B 36 -34.72 15.93 2.96
N LEU B 37 -35.39 15.00 3.59
CA LEU B 37 -36.54 14.25 2.99
C LEU B 37 -37.83 15.00 3.22
N GLN B 38 -38.72 15.00 2.26
CA GLN B 38 -40.08 15.54 2.50
C GLN B 38 -41.04 14.73 1.68
N TYR B 39 -42.07 14.19 2.31
CA TYR B 39 -43.13 13.46 1.59
C TYR B 39 -43.86 14.38 0.64
N ASP B 40 -44.14 13.87 -0.55
CA ASP B 40 -44.86 14.67 -1.57
C ASP B 40 -45.93 13.74 -2.08
N ALA B 41 -47.23 13.94 -1.76
CA ALA B 41 -48.29 13.06 -2.22
C ALA B 41 -48.56 13.10 -3.72
N SER B 42 -48.00 14.12 -4.40
N SER B 42 -48.05 14.08 -4.43
CA SER B 42 -48.02 14.25 -5.88
CA SER B 42 -48.32 14.02 -5.82
C SER B 42 -47.06 13.31 -6.65
C SER B 42 -47.32 13.10 -6.57
N LEU B 43 -46.30 12.56 -5.88
CA LEU B 43 -45.38 11.54 -6.51
C LEU B 43 -46.12 10.23 -6.68
N THR B 44 -46.88 10.18 -7.79
CA THR B 44 -47.67 8.99 -8.13
C THR B 44 -46.83 7.91 -8.80
N PRO B 45 -47.34 6.69 -8.94
CA PRO B 45 -46.49 5.62 -9.44
C PRO B 45 -46.07 5.76 -10.90
N LEU B 46 -44.85 5.30 -11.19
CA LEU B 46 -44.48 5.26 -12.59
C LEU B 46 -44.97 3.93 -13.15
N GLU B 47 -45.15 3.96 -14.46
CA GLU B 47 -45.42 2.73 -15.19
C GLU B 47 -44.31 2.45 -16.24
N PHE B 48 -43.89 1.22 -16.25
CA PHE B 48 -42.76 0.80 -17.10
C PHE B 48 -43.28 0.09 -18.33
N GLN B 49 -43.14 0.76 -19.48
CA GLN B 49 -43.78 0.29 -20.74
C GLN B 49 -42.73 -0.23 -21.67
N GLY B 50 -42.94 -1.38 -22.25
CA GLY B 50 -41.96 -1.91 -23.25
C GLY B 50 -40.68 -2.37 -22.62
N TYR B 51 -40.68 -2.55 -21.30
CA TYR B 51 -39.52 -3.18 -20.61
C TYR B 51 -39.25 -4.61 -20.87
N ASN B 52 -40.30 -5.37 -21.28
CA ASN B 52 -40.14 -6.79 -21.53
C ASN B 52 -39.59 -7.04 -22.94
N LEU B 53 -38.27 -6.98 -23.03
CA LEU B 53 -37.64 -6.99 -24.37
C LEU B 53 -37.68 -8.51 -24.85
N SER B 54 -37.93 -8.62 -26.17
CA SER B 54 -38.00 -9.96 -26.73
C SER B 54 -36.68 -10.78 -26.58
N ALA B 55 -36.78 -12.03 -26.07
CA ALA B 55 -35.63 -12.95 -25.99
C ALA B 55 -35.13 -13.30 -27.34
N ASN B 56 -35.91 -13.02 -28.38
CA ASN B 56 -35.42 -13.31 -29.73
C ASN B 56 -34.69 -12.17 -30.39
N LYS B 57 -34.67 -10.99 -29.75
CA LYS B 57 -33.92 -9.85 -30.21
C LYS B 57 -32.66 -9.76 -29.34
N GLN B 58 -31.71 -8.97 -29.79
CA GLN B 58 -30.48 -8.81 -29.03
C GLN B 58 -30.05 -7.40 -28.93
N PHE B 59 -29.43 -7.08 -27.78
CA PHE B 59 -29.13 -5.68 -27.43
C PHE B 59 -27.66 -5.56 -27.14
N LEU B 60 -27.11 -4.45 -27.53
CA LEU B 60 -25.64 -4.25 -27.48
C LEU B 60 -25.17 -3.91 -26.10
N LEU B 61 -24.23 -4.70 -25.59
CA LEU B 61 -23.53 -4.46 -24.31
C LEU B 61 -22.16 -3.89 -24.65
N THR B 62 -21.73 -2.82 -23.97
CA THR B 62 -20.43 -2.20 -24.37
C THR B 62 -19.71 -1.81 -23.09
N ASN B 63 -18.38 -2.04 -23.04
CA ASN B 63 -17.55 -1.41 -22.02
C ASN B 63 -17.13 -0.13 -22.48
N ASN B 64 -17.57 0.96 -21.82
CA ASN B 64 -17.30 2.31 -22.35
C ASN B 64 -16.07 2.91 -21.68
N GLY B 65 -15.30 2.10 -20.95
CA GLY B 65 -14.12 2.68 -20.29
C GLY B 65 -14.40 3.15 -18.89
N HIS B 66 -15.69 3.26 -18.51
CA HIS B 66 -16.10 3.74 -17.15
C HIS B 66 -17.11 2.88 -16.47
N SER B 67 -17.84 2.06 -17.21
CA SER B 67 -18.86 1.14 -16.69
C SER B 67 -19.08 0.14 -17.80
N VAL B 68 -20.01 -0.75 -17.55
CA VAL B 68 -20.53 -1.57 -18.61
C VAL B 68 -21.96 -1.03 -18.86
N LYS B 69 -22.25 -0.82 -20.15
CA LYS B 69 -23.62 -0.37 -20.51
C LYS B 69 -24.33 -1.27 -21.48
N LEU B 70 -25.64 -1.40 -21.31
CA LEU B 70 -26.50 -2.15 -22.26
C LEU B 70 -27.34 -1.09 -22.93
N ASN B 71 -27.34 -1.04 -24.29
CA ASN B 71 -28.21 -0.12 -25.05
C ASN B 71 -29.65 -0.65 -25.01
N LEU B 72 -30.58 0.28 -24.91
CA LEU B 72 -31.97 -0.04 -24.78
C LEU B 72 -32.75 0.64 -25.95
N PRO B 73 -33.87 0.01 -26.31
CA PRO B 73 -34.58 0.56 -27.46
C PRO B 73 -35.53 1.71 -27.06
N SER B 74 -35.75 2.67 -27.95
CA SER B 74 -36.55 3.85 -27.63
C SER B 74 -38.02 3.52 -27.46
N ASP B 75 -38.51 2.34 -27.87
CA ASP B 75 -39.90 2.02 -27.56
C ASP B 75 -40.11 1.68 -26.07
N MET B 76 -39.01 1.43 -25.33
CA MET B 76 -39.09 1.19 -23.85
C MET B 76 -39.21 2.59 -23.19
N HIS B 77 -40.20 2.80 -22.36
CA HIS B 77 -40.42 4.09 -21.80
C HIS B 77 -41.03 4.12 -20.45
N ILE B 78 -40.91 5.26 -19.79
N ILE B 78 -40.92 5.28 -19.81
CA ILE B 78 -41.60 5.45 -18.48
CA ILE B 78 -41.67 5.44 -18.55
C ILE B 78 -42.81 6.31 -18.76
C ILE B 78 -42.85 6.30 -18.81
N GLN B 79 -43.95 5.87 -18.19
CA GLN B 79 -45.23 6.61 -18.25
C GLN B 79 -45.43 7.16 -16.81
N GLY B 80 -45.76 8.42 -16.74
CA GLY B 80 -46.17 8.97 -15.42
C GLY B 80 -45.41 10.22 -15.07
N LEU B 81 -44.32 10.53 -15.78
CA LEU B 81 -43.74 11.87 -15.73
C LEU B 81 -44.52 12.87 -16.59
N GLN B 82 -44.06 14.10 -16.64
CA GLN B 82 -44.86 15.08 -17.36
C GLN B 82 -44.62 15.06 -18.87
N SER B 83 -43.55 14.36 -19.33
CA SER B 83 -43.36 13.96 -20.73
C SER B 83 -43.06 12.50 -20.68
N ARG B 84 -43.25 11.82 -21.81
N ARG B 84 -43.14 11.86 -21.84
CA ARG B 84 -42.75 10.46 -21.99
CA ARG B 84 -42.87 10.46 -21.97
C ARG B 84 -41.19 10.50 -22.01
C ARG B 84 -41.19 10.52 -22.00
N TYR B 85 -40.59 9.63 -21.21
CA TYR B 85 -39.10 9.50 -21.24
C TYR B 85 -38.85 8.10 -21.77
N SER B 86 -38.05 8.06 -22.82
CA SER B 86 -37.69 6.79 -23.45
C SER B 86 -36.28 6.34 -23.06
N ALA B 87 -36.19 5.02 -22.95
CA ALA B 87 -34.89 4.39 -22.51
C ALA B 87 -33.81 4.60 -23.52
N THR B 88 -32.59 4.80 -23.04
CA THR B 88 -31.39 4.82 -23.93
C THR B 88 -30.36 3.80 -23.54
N GLN B 89 -30.06 3.63 -22.25
CA GLN B 89 -29.10 2.58 -21.82
C GLN B 89 -29.22 2.34 -20.32
N LEU B 90 -28.72 1.21 -19.86
CA LEU B 90 -28.51 1.01 -18.41
C LEU B 90 -27.10 0.67 -18.18
N HIS B 91 -26.64 0.87 -16.94
CA HIS B 91 -25.23 0.56 -16.57
C HIS B 91 -25.14 0.49 -15.08
N LEU B 92 -23.97 0.13 -14.58
CA LEU B 92 -23.82 -0.05 -13.12
C LEU B 92 -22.66 0.67 -12.54
N HIS B 93 -22.62 0.75 -11.21
CA HIS B 93 -21.47 1.27 -10.39
C HIS B 93 -21.21 0.35 -9.32
N TRP B 94 -19.97 0.14 -8.96
CA TRP B 94 -19.64 -0.90 -7.91
C TRP B 94 -18.29 -0.58 -7.32
N GLY B 95 -18.00 -1.41 -6.30
CA GLY B 95 -16.76 -1.25 -5.49
C GLY B 95 -15.64 -2.12 -5.95
N ASN B 96 -15.17 -3.02 -5.06
CA ASN B 96 -14.05 -3.90 -5.46
C ASN B 96 -14.11 -5.15 -4.62
N PRO B 97 -13.30 -6.18 -4.94
CA PRO B 97 -13.46 -7.45 -4.36
C PRO B 97 -13.28 -7.49 -2.84
N ASN B 98 -12.47 -6.60 -2.34
CA ASN B 98 -12.14 -6.61 -0.91
C ASN B 98 -13.02 -5.61 -0.23
N ASP B 99 -13.78 -4.84 -0.97
CA ASP B 99 -14.69 -3.84 -0.29
C ASP B 99 -15.92 -3.60 -1.21
N PRO B 100 -16.88 -4.51 -1.14
CA PRO B 100 -18.04 -4.47 -2.05
C PRO B 100 -19.08 -3.46 -1.60
N HIS B 101 -18.72 -2.18 -1.64
CA HIS B 101 -19.59 -1.09 -1.16
C HIS B 101 -19.54 0.09 -2.04
N GLY B 102 -20.00 -0.08 -3.27
CA GLY B 102 -19.78 0.92 -4.34
C GLY B 102 -21.06 1.52 -4.93
N SER B 103 -22.18 1.59 -4.20
CA SER B 103 -23.29 2.42 -4.70
C SER B 103 -22.87 3.90 -4.77
N GLU B 104 -23.62 4.62 -5.58
CA GLU B 104 -23.39 6.08 -5.68
C GLU B 104 -24.22 6.82 -4.64
N HIS B 105 -25.56 6.62 -4.66
CA HIS B 105 -26.36 7.15 -3.56
C HIS B 105 -26.11 6.35 -2.34
N THR B 106 -26.21 7.06 -1.17
CA THR B 106 -26.14 6.39 0.14
C THR B 106 -27.44 6.72 0.86
N VAL B 107 -27.69 5.85 1.86
CA VAL B 107 -28.92 6.03 2.63
C VAL B 107 -28.52 6.05 4.11
N SER B 108 -28.84 7.23 4.66
CA SER B 108 -28.46 7.50 6.11
C SER B 108 -26.96 7.15 6.32
N GLY B 109 -26.14 7.60 5.36
CA GLY B 109 -24.71 7.49 5.37
C GLY B 109 -24.08 6.12 4.98
N GLN B 110 -24.89 5.17 4.58
CA GLN B 110 -24.36 3.81 4.25
C GLN B 110 -24.44 3.58 2.73
N HIS B 111 -23.35 3.03 2.24
CA HIS B 111 -23.30 2.52 0.88
C HIS B 111 -23.90 1.19 0.73
N PHE B 112 -24.57 0.98 -0.36
CA PHE B 112 -24.96 -0.33 -0.78
C PHE B 112 -23.83 -0.98 -1.64
N ALA B 113 -23.96 -2.27 -1.96
CA ALA B 113 -22.93 -2.96 -2.68
C ALA B 113 -22.68 -2.32 -4.03
N ALA B 114 -23.75 -1.96 -4.74
CA ALA B 114 -23.66 -1.54 -6.14
C ALA B 114 -24.93 -0.78 -6.45
N GLU B 115 -25.00 -0.21 -7.67
CA GLU B 115 -26.16 0.54 -8.08
C GLU B 115 -26.37 0.40 -9.54
N LEU B 116 -27.62 0.20 -9.97
CA LEU B 116 -28.02 0.16 -11.39
C LEU B 116 -28.65 1.45 -11.75
N HIS B 117 -28.26 2.03 -12.88
CA HIS B 117 -28.94 3.21 -13.46
C HIS B 117 -29.56 2.90 -14.75
N ILE B 118 -30.88 3.20 -14.88
CA ILE B 118 -31.52 3.03 -16.23
C ILE B 118 -31.82 4.40 -16.72
N VAL B 119 -31.13 4.79 -17.79
CA VAL B 119 -31.12 6.20 -18.27
C VAL B 119 -32.18 6.36 -19.38
N HIS B 120 -33.00 7.40 -19.21
CA HIS B 120 -34.09 7.74 -20.15
C HIS B 120 -33.91 9.19 -20.53
N TYR B 121 -34.48 9.55 -21.71
CA TYR B 121 -34.45 10.93 -22.18
C TYR B 121 -35.86 11.40 -22.59
N ASN B 122 -36.09 12.72 -22.56
CA ASN B 122 -37.39 13.21 -22.97
C ASN B 122 -37.59 13.09 -24.52
N SER B 123 -38.21 12.01 -24.95
CA SER B 123 -38.34 11.77 -26.38
C SER B 123 -39.53 12.58 -26.99
N ASP B 124 -40.38 13.14 -26.15
CA ASP B 124 -41.39 14.11 -26.65
C ASP B 124 -40.76 15.36 -27.24
N LEU B 125 -39.68 15.82 -26.63
CA LEU B 125 -38.94 17.07 -26.98
C LEU B 125 -37.69 16.91 -27.79
N TYR B 126 -36.99 15.81 -27.60
CA TYR B 126 -35.69 15.60 -28.20
C TYR B 126 -35.58 14.31 -28.96
N PRO B 127 -34.73 14.36 -30.01
CA PRO B 127 -34.66 13.15 -30.86
C PRO B 127 -33.67 12.08 -30.41
N ASP B 128 -32.84 12.39 -29.39
CA ASP B 128 -31.93 11.36 -28.90
C ASP B 128 -31.44 11.83 -27.55
N ALA B 129 -30.85 10.91 -26.76
CA ALA B 129 -30.42 11.23 -25.42
C ALA B 129 -29.28 12.23 -25.38
N SER B 130 -28.36 12.19 -26.36
N SER B 130 -28.39 12.18 -26.37
CA SER B 130 -27.23 13.15 -26.32
CA SER B 130 -27.24 13.09 -26.34
C SER B 130 -27.77 14.59 -26.40
C SER B 130 -27.73 14.56 -26.44
N THR B 131 -28.67 14.83 -27.34
CA THR B 131 -29.29 16.17 -27.43
C THR B 131 -30.02 16.55 -26.17
N ALA B 132 -30.79 15.60 -25.57
CA ALA B 132 -31.55 15.84 -24.36
C ALA B 132 -30.61 16.16 -23.17
N SER B 133 -29.39 15.61 -23.23
CA SER B 133 -28.54 15.61 -22.02
C SER B 133 -28.12 16.93 -21.60
N ASN B 134 -28.22 17.89 -22.48
CA ASN B 134 -27.81 19.23 -21.97
C ASN B 134 -28.97 20.18 -21.94
N LYS B 135 -30.19 19.66 -21.73
CA LYS B 135 -31.45 20.52 -21.63
C LYS B 135 -32.13 20.27 -20.33
N SER B 136 -32.90 21.27 -19.84
CA SER B 136 -33.28 21.22 -18.42
C SER B 136 -34.26 20.04 -18.29
N GLU B 137 -34.13 19.19 -17.27
CA GLU B 137 -34.92 17.93 -17.19
C GLU B 137 -35.05 17.11 -18.52
N GLY B 138 -34.01 17.18 -19.36
CA GLY B 138 -33.85 16.35 -20.54
C GLY B 138 -33.70 14.86 -20.22
N LEU B 139 -33.21 14.49 -19.03
CA LEU B 139 -32.95 13.06 -18.70
C LEU B 139 -33.73 12.66 -17.46
N ALA B 140 -34.12 11.40 -17.39
CA ALA B 140 -34.73 10.83 -16.15
C ALA B 140 -33.93 9.54 -15.98
N VAL B 141 -33.30 9.40 -14.79
CA VAL B 141 -32.59 8.17 -14.51
C VAL B 141 -33.27 7.48 -13.36
N LEU B 142 -33.48 6.18 -13.49
CA LEU B 142 -33.95 5.29 -12.40
C LEU B 142 -32.79 4.65 -11.76
N ALA B 143 -32.68 4.71 -10.43
CA ALA B 143 -31.62 4.08 -9.70
C ALA B 143 -32.11 2.97 -8.80
N VAL B 144 -31.49 1.81 -8.90
CA VAL B 144 -31.81 0.68 -8.04
C VAL B 144 -30.57 0.41 -7.18
N LEU B 145 -30.73 0.42 -5.88
CA LEU B 145 -29.71 0.09 -4.93
C LEU B 145 -29.58 -1.41 -4.85
N ILE B 146 -28.36 -1.92 -4.88
CA ILE B 146 -28.10 -3.34 -4.92
C ILE B 146 -27.31 -3.74 -3.66
N GLU B 147 -27.83 -4.77 -2.98
CA GLU B 147 -27.17 -5.26 -1.77
C GLU B 147 -26.71 -6.69 -1.99
N MET B 148 -25.70 -7.12 -1.27
CA MET B 148 -25.24 -8.49 -1.32
C MET B 148 -26.29 -9.39 -0.63
N GLY B 149 -26.71 -10.40 -1.39
CA GLY B 149 -27.80 -11.28 -0.91
C GLY B 149 -27.85 -12.52 -1.76
N SER B 150 -29.10 -12.87 -2.09
CA SER B 150 -29.34 -14.02 -3.03
C SER B 150 -28.86 -13.84 -4.45
N PHE B 151 -28.50 -14.95 -5.05
CA PHE B 151 -28.26 -14.95 -6.51
C PHE B 151 -29.45 -14.44 -7.21
N ASN B 152 -29.24 -13.59 -8.26
CA ASN B 152 -30.30 -12.95 -8.95
C ASN B 152 -30.22 -13.36 -10.45
N PRO B 153 -31.07 -14.27 -10.92
CA PRO B 153 -30.97 -14.76 -12.31
C PRO B 153 -31.18 -13.62 -13.27
N SER B 154 -31.98 -12.63 -12.94
CA SER B 154 -32.25 -11.54 -13.91
C SER B 154 -30.96 -10.67 -14.15
N TYR B 155 -30.28 -10.25 -13.06
CA TYR B 155 -29.01 -9.57 -13.22
C TYR B 155 -28.05 -10.45 -13.94
N ASP B 156 -28.10 -11.77 -13.79
CA ASP B 156 -27.11 -12.59 -14.40
C ASP B 156 -27.34 -12.61 -15.88
N LYS B 157 -28.45 -12.19 -16.45
CA LYS B 157 -28.61 -12.11 -17.92
C LYS B 157 -27.64 -11.01 -18.38
N ILE B 158 -27.21 -10.03 -17.56
CA ILE B 158 -26.13 -9.11 -17.97
C ILE B 158 -24.81 -9.72 -17.58
N PHE B 159 -24.62 -10.19 -16.33
CA PHE B 159 -23.32 -10.49 -15.83
C PHE B 159 -22.69 -11.67 -16.51
N SER B 160 -23.50 -12.53 -17.06
CA SER B 160 -22.95 -13.73 -17.72
C SER B 160 -22.24 -13.33 -18.98
N HIS B 161 -22.32 -12.08 -19.49
CA HIS B 161 -21.59 -11.65 -20.68
C HIS B 161 -20.34 -10.83 -20.37
N LEU B 162 -19.96 -10.67 -19.08
CA LEU B 162 -18.91 -9.70 -18.71
C LEU B 162 -17.55 -10.11 -19.20
N GLN B 163 -17.29 -11.41 -19.36
CA GLN B 163 -16.00 -11.82 -19.87
C GLN B 163 -15.81 -11.54 -21.37
N HIS B 164 -16.81 -10.96 -22.01
CA HIS B 164 -16.83 -10.68 -23.44
C HIS B 164 -16.76 -9.18 -23.78
N VAL B 165 -16.78 -8.37 -22.69
CA VAL B 165 -16.66 -6.92 -22.85
C VAL B 165 -15.60 -6.48 -21.82
N LYS B 166 -14.54 -7.29 -21.62
CA LYS B 166 -13.55 -7.00 -20.62
C LYS B 166 -12.82 -5.70 -20.80
N TYR B 167 -12.62 -5.27 -22.08
CA TYR B 167 -11.84 -4.07 -22.29
C TYR B 167 -12.60 -2.93 -22.95
N LYS B 168 -12.05 -1.72 -22.74
CA LYS B 168 -12.70 -0.54 -23.31
C LYS B 168 -12.90 -0.70 -24.77
N GLY B 169 -14.15 -0.34 -25.16
CA GLY B 169 -14.61 -0.39 -26.53
C GLY B 169 -15.19 -1.70 -27.04
N GLN B 170 -14.99 -2.79 -26.30
CA GLN B 170 -15.49 -4.07 -26.73
C GLN B 170 -17.06 -4.10 -26.57
N GLU B 171 -17.68 -4.85 -27.46
CA GLU B 171 -19.15 -4.98 -27.63
C GLU B 171 -19.58 -6.43 -27.69
N ALA B 172 -20.72 -6.76 -27.09
CA ALA B 172 -21.25 -8.13 -27.05
C ALA B 172 -22.76 -7.93 -27.22
N PHE B 173 -23.44 -8.97 -27.63
CA PHE B 173 -24.92 -8.98 -27.70
C PHE B 173 -25.55 -9.76 -26.59
N VAL B 174 -26.59 -9.18 -26.02
CA VAL B 174 -27.29 -9.80 -24.89
C VAL B 174 -28.73 -10.07 -25.41
N PRO B 175 -29.22 -11.32 -25.33
CA PRO B 175 -30.65 -11.50 -25.72
C PRO B 175 -31.57 -10.63 -24.81
N GLY B 176 -32.69 -10.21 -25.36
CA GLY B 176 -33.67 -9.42 -24.59
C GLY B 176 -34.17 -10.27 -23.43
N PHE B 177 -34.46 -9.53 -22.38
CA PHE B 177 -35.16 -10.07 -21.21
C PHE B 177 -35.98 -8.92 -20.65
N ASN B 178 -36.76 -9.27 -19.62
CA ASN B 178 -37.66 -8.31 -19.01
C ASN B 178 -36.88 -7.45 -18.01
N ILE B 179 -36.63 -6.23 -18.45
CA ILE B 179 -35.88 -5.26 -17.63
C ILE B 179 -36.56 -4.95 -16.35
N GLU B 180 -37.90 -5.08 -16.30
CA GLU B 180 -38.56 -4.83 -15.07
C GLU B 180 -38.11 -5.84 -14.01
N GLU B 181 -37.56 -7.02 -14.34
CA GLU B 181 -37.06 -7.95 -13.35
C GLU B 181 -35.80 -7.41 -12.67
N LEU B 182 -35.23 -6.27 -13.13
CA LEU B 182 -34.09 -5.69 -12.39
C LEU B 182 -34.58 -4.72 -11.33
N LEU B 183 -35.86 -4.38 -11.33
CA LEU B 183 -36.41 -3.37 -10.35
C LEU B 183 -36.81 -4.09 -9.05
N PRO B 184 -36.79 -3.34 -7.96
CA PRO B 184 -37.10 -3.93 -6.63
C PRO B 184 -38.60 -4.00 -6.45
N GLU B 185 -38.95 -4.51 -5.26
N GLU B 185 -38.95 -4.48 -5.24
CA GLU B 185 -40.33 -4.53 -4.74
CA GLU B 185 -40.34 -4.52 -4.81
C GLU B 185 -40.80 -3.13 -4.48
C GLU B 185 -40.81 -3.12 -4.48
N ARG B 186 -42.08 -2.91 -4.78
CA ARG B 186 -42.81 -1.71 -4.36
C ARG B 186 -42.16 -0.48 -5.01
N THR B 187 -42.08 -0.58 -6.32
CA THR B 187 -41.60 0.53 -7.06
C THR B 187 -42.34 1.83 -6.88
N ALA B 188 -43.58 1.79 -6.34
CA ALA B 188 -44.25 3.00 -6.03
C ALA B 188 -43.60 3.82 -4.93
N GLU B 189 -42.69 3.20 -4.19
CA GLU B 189 -41.98 3.92 -3.10
C GLU B 189 -40.59 4.37 -3.61
N TYR B 190 -40.43 5.65 -3.75
CA TYR B 190 -39.15 6.16 -4.30
C TYR B 190 -38.84 7.51 -3.76
N TYR B 191 -37.59 7.93 -3.92
CA TYR B 191 -37.05 9.24 -3.71
C TYR B 191 -36.93 9.93 -5.05
N ARG B 192 -37.23 11.21 -5.11
CA ARG B 192 -37.20 11.99 -6.30
C ARG B 192 -36.48 13.26 -6.05
N TYR B 193 -35.53 13.66 -6.88
CA TYR B 193 -34.83 14.95 -6.74
C TYR B 193 -34.22 15.38 -8.06
N ARG B 194 -33.92 16.66 -8.14
CA ARG B 194 -33.24 17.23 -9.32
C ARG B 194 -31.79 17.20 -9.11
N GLY B 195 -31.09 16.55 -10.05
CA GLY B 195 -29.62 16.47 -9.96
C GLY B 195 -28.95 16.38 -11.32
N SER B 196 -27.89 15.61 -11.38
CA SER B 196 -26.96 15.65 -12.51
C SER B 196 -26.53 14.31 -12.91
N LEU B 197 -25.88 14.27 -14.07
CA LEU B 197 -25.05 13.08 -14.40
C LEU B 197 -24.02 12.91 -13.30
N THR B 198 -23.70 11.63 -12.93
CA THR B 198 -22.73 11.39 -11.87
C THR B 198 -21.31 11.22 -12.38
N THR B 199 -21.17 11.37 -13.74
CA THR B 199 -19.83 11.29 -14.39
C THR B 199 -19.74 12.56 -15.19
N PRO B 200 -18.50 12.89 -15.60
CA PRO B 200 -18.38 13.94 -16.64
C PRO B 200 -19.29 13.60 -17.83
N PRO B 201 -20.00 14.58 -18.40
N PRO B 201 -19.85 14.61 -18.43
CA PRO B 201 -19.81 16.02 -18.18
CA PRO B 201 -19.56 16.02 -18.13
C PRO B 201 -20.62 16.65 -17.08
C PRO B 201 -20.39 16.61 -16.97
N CYS B 202 -21.20 15.80 -16.26
CA CYS B 202 -21.87 16.20 -14.98
C CYS B 202 -23.07 17.15 -15.20
N ASN B 203 -23.68 17.05 -16.38
CA ASN B 203 -24.73 18.00 -16.73
C ASN B 203 -25.79 18.00 -15.67
N PRO B 204 -26.31 19.15 -15.21
CA PRO B 204 -27.36 19.20 -14.15
C PRO B 204 -28.79 19.04 -14.71
N THR B 205 -29.01 17.97 -15.46
CA THR B 205 -30.17 17.87 -16.30
C THR B 205 -30.96 16.62 -16.10
N VAL B 206 -30.71 16.04 -14.91
CA VAL B 206 -31.37 14.76 -14.53
C VAL B 206 -32.44 14.87 -13.45
N LEU B 207 -33.57 14.32 -13.77
CA LEU B 207 -34.61 14.03 -12.82
C LEU B 207 -34.31 12.63 -12.27
N TRP B 208 -33.87 12.53 -11.01
CA TRP B 208 -33.55 11.22 -10.38
C TRP B 208 -34.71 10.58 -9.69
N THR B 209 -34.87 9.28 -9.85
CA THR B 209 -35.81 8.46 -9.04
C THR B 209 -34.98 7.39 -8.49
N VAL B 210 -34.84 7.33 -7.17
CA VAL B 210 -34.13 6.26 -6.51
C VAL B 210 -35.15 5.38 -5.83
N PHE B 211 -35.27 4.13 -6.15
CA PHE B 211 -36.32 3.29 -5.47
C PHE B 211 -35.93 3.06 -4.04
N ARG B 212 -36.95 3.03 -3.15
CA ARG B 212 -36.68 2.88 -1.72
C ARG B 212 -36.08 1.55 -1.38
N ASN B 213 -36.52 0.47 -2.07
CA ASN B 213 -36.08 -0.85 -1.65
C ASN B 213 -34.96 -1.34 -2.58
N PRO B 214 -33.94 -1.96 -2.05
CA PRO B 214 -32.86 -2.55 -2.81
C PRO B 214 -33.26 -3.88 -3.43
N VAL B 215 -32.48 -4.33 -4.41
CA VAL B 215 -32.48 -5.68 -4.84
C VAL B 215 -31.26 -6.38 -4.33
N GLN B 216 -31.24 -7.69 -4.43
CA GLN B 216 -30.04 -8.47 -4.05
C GLN B 216 -29.37 -9.16 -5.23
N ILE B 217 -28.05 -9.19 -5.20
CA ILE B 217 -27.28 -10.11 -6.07
C ILE B 217 -26.28 -10.82 -5.14
N SER B 218 -25.71 -11.93 -5.63
CA SER B 218 -24.85 -12.68 -4.67
C SER B 218 -23.50 -12.17 -4.59
N GLN B 219 -22.73 -12.62 -3.57
CA GLN B 219 -21.31 -12.30 -3.48
C GLN B 219 -20.57 -12.74 -4.75
N GLU B 220 -20.94 -13.89 -5.31
CA GLU B 220 -20.20 -14.37 -6.51
C GLU B 220 -20.49 -13.48 -7.72
N GLN B 221 -21.74 -12.98 -7.78
CA GLN B 221 -22.10 -12.08 -8.90
C GLN B 221 -21.38 -10.75 -8.72
N LEU B 222 -21.28 -10.20 -7.50
CA LEU B 222 -20.52 -8.96 -7.26
C LEU B 222 -19.07 -9.26 -7.61
N LEU B 223 -18.47 -10.40 -7.20
CA LEU B 223 -17.06 -10.62 -7.46
C LEU B 223 -16.88 -10.70 -8.96
N ALA B 224 -17.75 -11.36 -9.72
CA ALA B 224 -17.61 -11.34 -11.18
C ALA B 224 -17.61 -9.91 -11.68
N LEU B 225 -18.58 -9.10 -11.31
CA LEU B 225 -18.64 -7.74 -11.80
C LEU B 225 -17.40 -6.98 -11.47
N GLU B 226 -16.84 -7.15 -10.25
CA GLU B 226 -15.69 -6.42 -9.76
C GLU B 226 -14.34 -6.93 -10.35
N THR B 227 -14.33 -8.08 -10.98
CA THR B 227 -13.03 -8.57 -11.52
C THR B 227 -13.02 -8.73 -13.01
N ALA B 228 -14.11 -8.54 -13.68
CA ALA B 228 -14.15 -8.92 -15.10
C ALA B 228 -13.53 -7.78 -15.92
N LEU B 229 -13.68 -6.53 -15.55
CA LEU B 229 -13.62 -5.42 -16.53
C LEU B 229 -12.45 -4.51 -16.23
N TYR B 230 -12.00 -3.86 -17.30
CA TYR B 230 -10.88 -2.91 -17.36
C TYR B 230 -11.35 -1.59 -17.98
N CYS B 231 -10.81 -0.45 -17.55
CA CYS B 231 -11.11 0.83 -18.15
C CYS B 231 -10.29 1.05 -19.40
N THR B 232 -9.32 0.15 -19.62
CA THR B 232 -8.33 0.37 -20.72
C THR B 232 -8.59 -0.58 -21.86
N HIS B 233 -8.01 -0.29 -23.05
CA HIS B 233 -8.10 -1.15 -24.17
C HIS B 233 -7.34 -2.43 -24.03
N MET B 234 -7.73 -3.46 -24.78
N MET B 234 -7.72 -3.45 -24.78
CA MET B 234 -7.13 -4.79 -24.68
CA MET B 234 -7.13 -4.80 -24.70
C MET B 234 -5.60 -4.71 -24.84
C MET B 234 -5.61 -4.77 -24.90
N ASP B 235 -5.15 -3.82 -25.70
CA ASP B 235 -3.65 -3.77 -25.94
C ASP B 235 -2.92 -2.80 -25.09
N ASP B 236 -3.54 -2.19 -24.05
CA ASP B 236 -2.91 -1.16 -23.33
C ASP B 236 -1.76 -1.75 -22.45
N PRO B 237 -0.51 -1.24 -22.54
CA PRO B 237 0.55 -1.74 -21.70
C PRO B 237 0.45 -1.33 -20.21
N SER B 238 -0.49 -0.46 -19.84
N SER B 238 -0.48 -0.41 -19.87
CA SER B 238 -0.70 -0.06 -18.42
CA SER B 238 -0.79 0.01 -18.49
C SER B 238 -2.14 -0.29 -18.01
C SER B 238 -2.29 -0.28 -18.25
N PRO B 239 -2.61 -1.55 -18.00
CA PRO B 239 -4.05 -1.82 -17.73
C PRO B 239 -4.50 -1.30 -16.42
N ARG B 240 -5.81 -0.94 -16.41
CA ARG B 240 -6.40 -0.42 -15.15
C ARG B 240 -7.74 -1.19 -14.92
N GLU B 241 -7.86 -1.83 -13.79
CA GLU B 241 -9.12 -2.51 -13.36
C GLU B 241 -10.26 -1.51 -13.18
N MET B 242 -11.41 -1.91 -13.70
CA MET B 242 -12.65 -1.08 -13.51
C MET B 242 -13.34 -1.48 -12.18
N ILE B 243 -12.91 -0.76 -11.16
CA ILE B 243 -13.34 -0.91 -9.81
C ILE B 243 -13.60 0.42 -9.21
N ASN B 244 -14.44 0.43 -8.15
CA ASN B 244 -14.69 1.70 -7.42
C ASN B 244 -15.15 2.83 -8.31
N ASN B 245 -16.01 2.47 -9.29
CA ASN B 245 -16.44 3.44 -10.27
C ASN B 245 -17.74 4.15 -9.81
N PHE B 246 -17.63 4.77 -8.67
CA PHE B 246 -18.74 5.59 -8.10
C PHE B 246 -18.16 6.91 -7.65
N ARG B 247 -18.98 7.91 -7.74
CA ARG B 247 -18.61 9.28 -7.23
C ARG B 247 -18.99 9.40 -5.75
N GLN B 248 -18.19 10.15 -4.98
CA GLN B 248 -18.60 10.53 -3.61
C GLN B 248 -19.86 11.29 -3.67
N VAL B 249 -20.62 11.26 -2.57
CA VAL B 249 -21.85 12.11 -2.45
C VAL B 249 -21.51 13.60 -2.38
N GLN B 250 -22.44 14.37 -2.90
CA GLN B 250 -22.24 15.82 -3.10
C GLN B 250 -22.99 16.64 -2.06
N LYS B 251 -22.53 17.87 -1.87
CA LYS B 251 -23.31 18.75 -0.96
C LYS B 251 -24.73 18.97 -1.56
N PHE B 252 -25.70 19.18 -0.70
N PHE B 252 -25.72 19.17 -0.69
CA PHE B 252 -27.04 19.39 -1.16
CA PHE B 252 -27.08 19.38 -1.16
C PHE B 252 -27.33 20.85 -0.98
C PHE B 252 -27.39 20.68 -1.93
N ASP B 253 -26.57 21.71 -1.72
CA ASP B 253 -26.91 23.08 -2.24
C ASP B 253 -28.40 23.58 -1.94
N GLU B 254 -28.95 23.36 -0.72
CA GLU B 254 -30.32 23.76 -0.36
C GLU B 254 -31.47 22.91 -1.00
N ARG B 255 -31.13 21.90 -1.78
CA ARG B 255 -32.12 20.96 -2.29
C ARG B 255 -32.82 20.12 -1.14
N LEU B 256 -34.12 19.82 -1.32
CA LEU B 256 -34.70 18.65 -0.65
C LEU B 256 -34.89 17.46 -1.62
N VAL B 257 -35.14 16.31 -1.02
CA VAL B 257 -35.44 15.12 -1.75
C VAL B 257 -36.86 14.80 -1.39
N TYR B 258 -37.69 14.57 -2.35
CA TYR B 258 -39.14 14.29 -2.14
C TYR B 258 -39.40 12.81 -2.15
N THR B 259 -40.22 12.31 -1.27
CA THR B 259 -40.47 10.92 -1.20
C THR B 259 -41.92 10.55 -1.49
N SER B 260 -42.19 9.44 -2.17
CA SER B 260 -43.56 9.05 -2.50
C SER B 260 -44.11 8.27 -1.31
N PHE B 261 -43.38 8.10 -0.19
CA PHE B 261 -43.78 7.30 0.95
C PHE B 261 -43.61 8.24 2.11
N SER B 262 -44.51 8.06 3.11
CA SER B 262 -44.46 9.08 4.15
C SER B 262 -43.79 8.55 5.36
N GLN B 263 -43.73 7.21 5.46
CA GLN B 263 -43.04 6.51 6.56
C GLN B 263 -42.68 5.15 6.02
N LYS C 3 29.42 6.44 -3.41
CA LYS C 3 27.96 6.52 -3.07
C LYS C 3 27.18 5.24 -3.52
N TRP C 4 26.22 4.92 -2.67
CA TRP C 4 25.59 3.60 -2.59
C TRP C 4 24.49 3.66 -1.60
N THR C 5 23.52 2.81 -1.81
CA THR C 5 22.30 2.80 -1.00
C THR C 5 21.89 1.33 -0.75
N TYR C 6 20.76 1.14 -0.07
CA TYR C 6 20.12 -0.18 0.08
C TYR C 6 18.83 -0.30 -0.79
N PHE C 7 18.69 0.53 -1.85
CA PHE C 7 17.47 0.44 -2.71
C PHE C 7 17.72 0.95 -4.15
N GLY C 8 16.65 1.28 -4.91
CA GLY C 8 16.70 1.95 -6.26
C GLY C 8 17.85 1.33 -7.01
N PRO C 9 18.49 2.11 -7.90
CA PRO C 9 19.53 1.53 -8.72
C PRO C 9 20.93 1.58 -8.11
N ASP C 10 21.12 2.18 -6.92
CA ASP C 10 22.45 2.24 -6.31
C ASP C 10 22.54 1.25 -5.16
N GLY C 11 21.57 0.33 -5.12
CA GLY C 11 21.43 -0.70 -4.06
C GLY C 11 22.44 -1.87 -4.21
N GLU C 12 22.25 -2.88 -3.33
CA GLU C 12 23.25 -3.89 -3.15
C GLU C 12 23.65 -4.68 -4.35
N ASN C 13 22.72 -4.95 -5.26
CA ASN C 13 23.15 -5.71 -6.48
C ASN C 13 24.11 -4.90 -7.38
N SER C 14 24.14 -3.59 -7.13
N SER C 14 24.17 -3.58 -7.23
CA SER C 14 24.90 -2.65 -7.97
CA SER C 14 25.10 -2.77 -8.10
C SER C 14 26.22 -2.32 -7.34
C SER C 14 26.29 -2.27 -7.29
N TRP C 15 26.43 -2.61 -6.03
CA TRP C 15 27.65 -2.25 -5.34
C TRP C 15 28.93 -2.64 -6.06
N SER C 16 28.92 -3.84 -6.69
CA SER C 16 30.18 -4.40 -7.24
C SER C 16 30.66 -3.54 -8.46
N LYS C 17 29.84 -2.68 -9.01
N LYS C 17 29.84 -2.67 -9.00
CA LYS C 17 30.33 -1.81 -10.11
CA LYS C 17 30.35 -1.81 -10.10
C LYS C 17 31.47 -0.90 -9.61
C LYS C 17 31.48 -0.89 -9.61
N LYS C 18 31.23 -0.18 -8.53
CA LYS C 18 32.24 0.71 -7.96
C LYS C 18 33.10 0.04 -6.92
N TYR C 19 32.64 -1.04 -6.29
CA TYR C 19 33.38 -1.67 -5.21
C TYR C 19 33.57 -3.15 -5.53
N PRO C 20 34.59 -3.52 -6.27
CA PRO C 20 34.61 -4.85 -6.90
C PRO C 20 34.57 -5.95 -5.82
N SER C 21 35.07 -5.70 -4.61
CA SER C 21 35.07 -6.82 -3.62
C SER C 21 33.66 -7.25 -3.27
N CYS C 22 32.67 -6.42 -3.51
CA CYS C 22 31.28 -6.82 -3.21
C CYS C 22 30.80 -7.95 -4.07
N GLY C 23 31.48 -8.22 -5.19
CA GLY C 23 31.19 -9.40 -6.08
C GLY C 23 32.27 -10.46 -5.90
N GLY C 24 33.10 -10.34 -4.88
CA GLY C 24 34.21 -11.31 -4.70
C GLY C 24 33.95 -12.38 -3.67
N LEU C 25 35.01 -12.95 -3.18
CA LEU C 25 34.93 -14.06 -2.23
C LEU C 25 34.59 -13.54 -0.83
N LEU C 26 34.22 -14.53 -0.02
CA LEU C 26 34.13 -14.42 1.47
C LEU C 26 33.05 -13.39 1.84
N GLN C 27 32.01 -13.21 1.09
CA GLN C 27 31.01 -12.15 1.41
C GLN C 27 30.09 -12.52 2.59
N SER C 28 29.83 -11.53 3.43
CA SER C 28 28.88 -11.57 4.54
C SER C 28 27.73 -10.66 4.23
N PRO C 29 26.59 -10.83 4.94
CA PRO C 29 26.35 -11.79 5.99
C PRO C 29 25.88 -13.11 5.36
N ILE C 30 25.64 -14.08 6.28
CA ILE C 30 25.29 -15.43 5.89
C ILE C 30 24.19 -15.94 6.82
N ASP C 31 23.56 -17.03 6.36
CA ASP C 31 22.64 -17.82 7.24
C ASP C 31 23.36 -18.83 8.03
N LEU C 32 23.19 -18.81 9.34
CA LEU C 32 23.80 -19.73 10.28
C LEU C 32 22.81 -20.86 10.58
N HIS C 33 23.11 -22.07 10.12
CA HIS C 33 22.13 -23.19 10.22
C HIS C 33 22.88 -24.43 10.58
N SER C 34 22.24 -25.42 11.22
N SER C 34 22.22 -25.42 11.18
CA SER C 34 22.94 -26.55 11.85
CA SER C 34 22.87 -26.56 11.81
C SER C 34 23.86 -27.35 10.96
C SER C 34 23.82 -27.36 10.97
N ASP C 35 23.46 -27.57 9.70
CA ASP C 35 24.25 -28.43 8.75
C ASP C 35 25.63 -27.92 8.44
N ILE C 36 25.89 -26.65 8.77
CA ILE C 36 27.20 -26.09 8.44
C ILE C 36 27.95 -25.66 9.71
N LEU C 37 27.40 -25.97 10.86
CA LEU C 37 28.11 -25.68 12.11
C LEU C 37 29.04 -26.79 12.54
N GLN C 38 30.15 -26.40 13.12
CA GLN C 38 31.12 -27.36 13.67
C GLN C 38 31.74 -26.82 14.93
N TYR C 39 31.68 -27.57 16.02
CA TYR C 39 32.38 -27.18 17.22
C TYR C 39 33.85 -27.12 17.07
N ASP C 40 34.48 -26.06 17.60
CA ASP C 40 35.92 -25.82 17.46
C ASP C 40 36.41 -25.46 18.87
N ALA C 41 37.28 -26.35 19.39
CA ALA C 41 37.89 -26.17 20.76
C ALA C 41 38.76 -24.95 20.89
N SER C 42 39.30 -24.44 19.78
CA SER C 42 40.10 -23.27 19.82
C SER C 42 39.31 -21.98 20.21
N LEU C 43 37.96 -22.09 20.20
CA LEU C 43 37.15 -20.89 20.38
C LEU C 43 36.86 -20.61 21.85
N THR C 44 37.88 -20.07 22.53
CA THR C 44 37.76 -19.82 23.96
C THR C 44 37.13 -18.42 24.15
N PRO C 45 36.82 -18.00 25.37
CA PRO C 45 36.13 -16.68 25.49
C PRO C 45 37.01 -15.50 25.14
N LEU C 46 36.45 -14.49 24.47
CA LEU C 46 37.13 -13.26 24.24
C LEU C 46 37.05 -12.45 25.54
N GLU C 47 38.02 -11.56 25.71
CA GLU C 47 37.94 -10.54 26.78
C GLU C 47 37.79 -9.16 26.17
N PHE C 48 36.93 -8.35 26.79
CA PHE C 48 36.60 -7.03 26.30
C PHE C 48 37.26 -6.02 27.20
N GLN C 49 38.28 -5.36 26.63
CA GLN C 49 39.18 -4.42 27.43
C GLN C 49 38.92 -2.99 27.10
N GLY C 50 38.79 -2.13 28.13
CA GLY C 50 38.68 -0.73 27.86
C GLY C 50 37.28 -0.41 27.39
N TYR C 51 36.31 -1.32 27.56
CA TYR C 51 34.93 -1.05 27.10
C TYR C 51 34.15 -0.11 27.97
N ASN C 52 34.67 0.10 29.19
CA ASN C 52 33.90 0.93 30.15
C ASN C 52 34.31 2.38 29.96
N LEU C 53 33.59 3.10 29.11
CA LEU C 53 33.97 4.46 28.72
C LEU C 53 33.41 5.47 29.79
N SER C 54 34.22 6.46 30.20
CA SER C 54 33.82 7.45 31.24
C SER C 54 32.61 8.31 30.85
N ALA C 55 31.63 8.47 31.75
CA ALA C 55 30.39 9.24 31.43
C ALA C 55 30.66 10.72 31.14
N ASN C 56 31.87 11.18 31.50
CA ASN C 56 32.22 12.59 31.33
C ASN C 56 33.07 12.79 30.08
N LYS C 57 33.49 11.65 29.47
CA LYS C 57 34.07 11.59 28.13
C LYS C 57 32.95 11.51 27.11
N GLN C 58 33.20 11.98 25.88
CA GLN C 58 32.15 11.89 24.87
C GLN C 58 32.67 11.36 23.50
N PHE C 59 31.70 10.87 22.69
CA PHE C 59 31.91 10.01 21.47
C PHE C 59 31.01 10.47 20.36
N LEU C 60 31.60 10.67 19.17
CA LEU C 60 30.90 11.27 18.05
C LEU C 60 29.91 10.21 17.45
N LEU C 61 28.64 10.55 17.47
CA LEU C 61 27.56 9.87 16.76
C LEU C 61 27.30 10.57 15.44
N THR C 62 27.19 9.83 14.35
CA THR C 62 27.09 10.40 13.02
C THR C 62 26.03 9.58 12.26
N ASN C 63 25.09 10.27 11.68
CA ASN C 63 24.33 9.70 10.60
C ASN C 63 25.11 9.81 9.33
N ASN C 64 25.62 8.68 8.85
CA ASN C 64 26.36 8.65 7.64
C ASN C 64 25.56 8.39 6.42
N GLY C 65 24.22 8.46 6.53
CA GLY C 65 23.35 8.17 5.39
C GLY C 65 23.07 6.69 5.22
N HIS C 66 23.77 5.83 5.96
CA HIS C 66 23.64 4.36 5.77
C HIS C 66 23.25 3.73 7.05
N SER C 67 23.67 4.30 8.15
CA SER C 67 23.42 3.86 9.47
C SER C 67 23.67 5.05 10.41
N VAL C 68 23.55 4.76 11.68
CA VAL C 68 24.03 5.65 12.74
C VAL C 68 25.22 4.95 13.36
N LYS C 69 26.33 5.65 13.48
CA LYS C 69 27.58 5.05 13.98
C LYS C 69 28.09 5.92 15.11
N LEU C 70 28.62 5.27 16.09
CA LEU C 70 29.32 5.87 17.19
C LEU C 70 30.81 5.59 17.04
N ASN C 71 31.65 6.63 16.96
CA ASN C 71 33.07 6.43 16.98
C ASN C 71 33.52 5.91 18.38
N LEU C 72 34.50 4.96 18.39
CA LEU C 72 34.92 4.36 19.61
C LEU C 72 36.45 4.52 19.78
N PRO C 73 37.00 4.58 21.00
CA PRO C 73 38.40 4.93 21.05
C PRO C 73 39.39 3.75 20.92
N SER C 74 40.57 3.97 20.34
CA SER C 74 41.45 2.82 20.02
C SER C 74 42.07 2.07 21.21
N ASP C 75 42.00 2.62 22.43
CA ASP C 75 42.47 1.87 23.57
C ASP C 75 41.40 0.82 24.03
N MET C 76 40.20 0.83 23.46
CA MET C 76 39.22 -0.25 23.65
C MET C 76 39.58 -1.44 22.73
N HIS C 77 39.68 -2.64 23.28
CA HIS C 77 40.16 -3.76 22.43
C HIS C 77 39.67 -5.09 22.86
N ILE C 78 39.73 -6.07 21.93
CA ILE C 78 39.40 -7.42 22.23
C ILE C 78 40.72 -8.17 22.44
N GLN C 79 40.77 -8.98 23.51
CA GLN C 79 41.87 -9.82 23.85
C GLN C 79 41.35 -11.25 23.71
N GLY C 80 42.21 -12.13 23.23
CA GLY C 80 41.77 -13.49 22.98
C GLY C 80 42.01 -13.99 21.59
N LEU C 81 42.28 -13.10 20.63
CA LEU C 81 42.44 -13.51 19.24
C LEU C 81 43.98 -13.56 18.95
N GLN C 82 44.38 -13.94 17.74
CA GLN C 82 45.82 -14.03 17.37
C GLN C 82 46.54 -12.68 17.46
N SER C 83 45.85 -11.59 17.06
CA SER C 83 46.35 -10.23 17.21
C SER C 83 45.42 -9.50 18.12
N ARG C 84 45.86 -8.34 18.61
CA ARG C 84 44.98 -7.43 19.29
C ARG C 84 44.17 -6.69 18.24
N TYR C 85 42.84 -6.62 18.48
CA TYR C 85 41.91 -5.84 17.65
C TYR C 85 41.36 -4.68 18.47
N SER C 86 41.66 -3.46 18.02
CA SER C 86 41.22 -2.24 18.68
C SER C 86 39.92 -1.69 18.07
N ALA C 87 39.08 -1.09 18.92
CA ALA C 87 37.78 -0.55 18.49
C ALA C 87 37.93 0.66 17.55
N THR C 88 36.96 0.83 16.67
CA THR C 88 36.91 2.00 15.77
C THR C 88 35.53 2.62 15.75
N GLN C 89 34.43 1.83 15.69
CA GLN C 89 33.05 2.41 15.68
C GLN C 89 32.07 1.25 15.92
N LEU C 90 30.88 1.62 16.40
CA LEU C 90 29.80 0.67 16.38
C LEU C 90 28.69 1.24 15.60
N HIS C 91 27.77 0.39 15.12
CA HIS C 91 26.65 0.86 14.34
C HIS C 91 25.59 -0.24 14.29
N LEU C 92 24.42 0.10 13.73
CA LEU C 92 23.30 -0.88 13.69
C LEU C 92 22.71 -1.01 12.31
N HIS C 93 21.98 -2.14 12.26
CA HIS C 93 21.17 -2.50 11.06
C HIS C 93 19.76 -2.91 11.47
N TRP C 94 18.76 -2.45 10.74
CA TRP C 94 17.37 -2.76 11.11
C TRP C 94 16.48 -2.83 9.87
N GLY C 95 15.21 -3.16 10.16
CA GLY C 95 14.22 -3.31 9.12
C GLY C 95 13.28 -2.09 9.04
N ASN C 96 11.97 -2.35 9.19
CA ASN C 96 11.02 -1.18 9.09
C ASN C 96 9.79 -1.61 9.87
N PRO C 97 8.88 -0.67 10.21
CA PRO C 97 7.85 -1.09 11.13
C PRO C 97 6.85 -2.09 10.52
N ASN C 98 6.76 -2.14 9.21
CA ASN C 98 5.88 -3.12 8.55
C ASN C 98 6.50 -4.53 8.43
N ASP C 99 7.82 -4.61 8.59
CA ASP C 99 8.53 -5.90 8.52
C ASP C 99 9.78 -5.75 9.44
N PRO C 100 9.58 -5.94 10.74
CA PRO C 100 10.59 -5.47 11.66
C PRO C 100 11.61 -6.59 11.91
N HIS C 101 12.27 -7.01 10.82
CA HIS C 101 13.19 -8.19 10.86
C HIS C 101 14.38 -7.83 9.97
N GLY C 102 15.24 -6.97 10.47
CA GLY C 102 16.33 -6.42 9.73
C GLY C 102 17.73 -6.71 10.25
N SER C 103 17.94 -7.83 10.94
CA SER C 103 19.30 -8.28 11.15
C SER C 103 19.95 -8.63 9.84
N GLU C 104 21.29 -8.70 9.88
CA GLU C 104 22.05 -9.11 8.70
C GLU C 104 22.26 -10.62 8.68
N HIS C 105 22.85 -11.14 9.69
CA HIS C 105 22.90 -12.64 9.80
C HIS C 105 21.54 -13.19 10.10
N THR C 106 21.26 -14.37 9.62
CA THR C 106 20.05 -15.08 10.01
C THR C 106 20.42 -16.39 10.63
N VAL C 107 19.48 -16.95 11.40
CA VAL C 107 19.72 -18.22 12.04
C VAL C 107 18.60 -19.17 11.64
N SER C 108 18.98 -20.25 10.96
CA SER C 108 17.97 -21.23 10.48
C SER C 108 16.97 -20.50 9.61
N GLY C 109 17.50 -19.56 8.81
CA GLY C 109 16.73 -18.84 7.86
C GLY C 109 15.96 -17.64 8.42
N GLN C 110 15.99 -17.41 9.75
CA GLN C 110 15.18 -16.36 10.31
C GLN C 110 16.01 -15.09 10.62
N HIS C 111 15.48 -13.94 10.23
CA HIS C 111 16.05 -12.69 10.72
C HIS C 111 15.66 -12.39 12.15
N PHE C 112 16.55 -11.74 12.84
CA PHE C 112 16.26 -11.02 14.10
C PHE C 112 15.82 -9.61 13.76
N ALA C 113 15.25 -8.86 14.77
CA ALA C 113 14.77 -7.54 14.51
C ALA C 113 15.80 -6.56 13.99
N ALA C 114 17.02 -6.70 14.53
CA ALA C 114 18.11 -5.74 14.29
C ALA C 114 19.42 -6.38 14.68
N GLU C 115 20.53 -5.75 14.28
CA GLU C 115 21.82 -6.29 14.62
C GLU C 115 22.77 -5.10 14.94
N LEU C 116 23.56 -5.30 15.99
CA LEU C 116 24.62 -4.32 16.36
C LEU C 116 25.98 -4.86 15.94
N HIS C 117 26.80 -3.99 15.35
CA HIS C 117 28.17 -4.38 14.90
C HIS C 117 29.14 -3.52 15.71
N ILE C 118 30.08 -4.15 16.36
CA ILE C 118 31.18 -3.41 17.07
C ILE C 118 32.46 -3.71 16.30
N VAL C 119 32.97 -2.73 15.61
CA VAL C 119 33.98 -2.87 14.58
C VAL C 119 35.34 -2.60 15.16
N HIS C 120 36.28 -3.54 14.93
CA HIS C 120 37.68 -3.43 15.48
C HIS C 120 38.66 -3.64 14.36
N TYR C 121 39.87 -3.08 14.51
CA TYR C 121 40.91 -3.26 13.49
C TYR C 121 42.16 -3.88 14.15
N ASN C 122 42.97 -4.53 13.32
CA ASN C 122 44.18 -5.20 13.81
C ASN C 122 45.29 -4.15 14.01
N SER C 123 45.36 -3.75 15.28
CA SER C 123 46.29 -2.65 15.64
C SER C 123 47.73 -3.14 15.82
N ASP C 124 47.93 -4.44 15.93
CA ASP C 124 49.30 -5.03 15.91
C ASP C 124 49.92 -4.92 14.52
N LEU C 125 49.12 -5.06 13.49
CA LEU C 125 49.61 -4.98 12.10
C LEU C 125 49.50 -3.56 11.47
N TYR C 126 48.47 -2.80 11.88
CA TYR C 126 48.11 -1.61 11.13
C TYR C 126 47.89 -0.42 12.04
N PRO C 127 48.18 0.79 11.51
CA PRO C 127 48.11 1.99 12.33
C PRO C 127 46.68 2.51 12.65
N ASP C 128 45.71 2.16 11.80
CA ASP C 128 44.38 2.70 12.01
C ASP C 128 43.39 1.79 11.26
N ALA C 129 42.10 2.07 11.47
CA ALA C 129 41.08 1.19 10.85
C ALA C 129 41.04 1.34 9.30
N SER C 130 41.17 2.56 8.82
CA SER C 130 41.16 2.88 7.40
C SER C 130 42.24 2.06 6.67
N THR C 131 43.47 2.08 7.19
CA THR C 131 44.57 1.36 6.60
C THR C 131 44.28 -0.14 6.71
N ALA C 132 43.79 -0.55 7.87
CA ALA C 132 43.52 -2.02 8.08
C ALA C 132 42.44 -2.59 7.16
N SER C 133 41.52 -1.76 6.72
CA SER C 133 40.23 -2.27 6.28
C SER C 133 40.35 -3.13 5.04
N ASN C 134 41.34 -2.93 4.21
CA ASN C 134 41.48 -3.69 2.95
C ASN C 134 42.70 -4.64 2.98
N LYS C 135 43.20 -5.01 4.17
CA LYS C 135 44.43 -5.75 4.31
C LYS C 135 44.17 -7.02 5.07
N SER C 136 45.06 -7.99 4.91
CA SER C 136 44.95 -9.32 5.46
C SER C 136 44.77 -9.20 6.96
N GLU C 137 43.81 -9.96 7.48
CA GLU C 137 43.57 -9.95 8.93
C GLU C 137 43.27 -8.60 9.48
N GLY C 138 42.69 -7.73 8.68
CA GLY C 138 42.56 -6.31 9.03
C GLY C 138 41.54 -6.01 10.09
N LEU C 139 40.40 -6.76 10.13
CA LEU C 139 39.24 -6.35 10.93
C LEU C 139 38.64 -7.51 11.68
N ALA C 140 37.98 -7.20 12.78
CA ALA C 140 37.20 -8.16 13.54
C ALA C 140 35.95 -7.44 13.96
N VAL C 141 34.79 -8.06 13.72
CA VAL C 141 33.52 -7.42 14.08
C VAL C 141 32.80 -8.35 15.03
N LEU C 142 32.21 -7.74 16.07
CA LEU C 142 31.38 -8.45 16.96
C LEU C 142 29.96 -8.16 16.61
N ALA C 143 29.12 -9.21 16.46
CA ALA C 143 27.69 -9.01 16.11
C ALA C 143 26.78 -9.49 17.15
N VAL C 144 25.87 -8.58 17.49
CA VAL C 144 24.85 -8.95 18.50
C VAL C 144 23.47 -8.91 17.87
N LEU C 145 22.81 -10.08 17.96
CA LEU C 145 21.44 -10.17 17.43
C LEU C 145 20.45 -9.49 18.38
N ILE C 146 19.52 -8.74 17.82
CA ILE C 146 18.54 -7.90 18.69
C ILE C 146 17.14 -8.43 18.40
N GLU C 147 16.37 -8.71 19.47
CA GLU C 147 14.96 -9.03 19.34
C GLU C 147 14.12 -8.12 20.26
N MET C 148 12.83 -8.03 19.93
CA MET C 148 11.86 -7.38 20.81
C MET C 148 11.77 -8.11 22.16
N GLY C 149 11.73 -7.31 23.24
CA GLY C 149 11.47 -7.83 24.57
C GLY C 149 11.35 -6.65 25.56
N SER C 150 12.04 -6.83 26.70
CA SER C 150 12.20 -5.85 27.78
C SER C 150 12.92 -4.61 27.31
N PHE C 151 12.54 -3.46 27.87
CA PHE C 151 13.26 -2.21 27.73
C PHE C 151 14.72 -2.38 28.09
N ASN C 152 15.59 -1.78 27.29
CA ASN C 152 17.01 -1.91 27.55
C ASN C 152 17.72 -0.56 27.78
N PRO C 153 18.02 -0.24 29.05
CA PRO C 153 18.55 1.09 29.34
C PRO C 153 19.92 1.32 28.74
N SER C 154 20.66 0.24 28.48
CA SER C 154 21.96 0.36 27.83
C SER C 154 21.87 0.81 26.38
N TYR C 155 20.99 0.15 25.58
CA TYR C 155 20.74 0.61 24.24
C TYR C 155 20.17 2.01 24.19
N ASP C 156 19.44 2.41 25.25
CA ASP C 156 18.88 3.72 25.24
C ASP C 156 19.93 4.84 25.38
N LYS C 157 21.16 4.47 25.80
CA LYS C 157 22.27 5.43 25.90
C LYS C 157 22.65 5.88 24.53
N ILE C 158 22.31 5.06 23.50
CA ILE C 158 22.43 5.49 22.12
C ILE C 158 21.12 6.11 21.58
N PHE C 159 20.04 5.32 21.68
CA PHE C 159 18.80 5.65 21.03
C PHE C 159 18.24 7.01 21.51
N SER C 160 18.68 7.46 22.69
CA SER C 160 18.21 8.74 23.23
C SER C 160 18.84 9.93 22.56
N HIS C 161 19.74 9.73 21.61
CA HIS C 161 20.31 10.84 20.82
C HIS C 161 19.93 10.84 19.39
N LEU C 162 19.10 9.84 18.98
CA LEU C 162 18.81 9.74 17.56
C LEU C 162 18.21 10.96 16.96
N GLN C 163 17.39 11.72 17.76
CA GLN C 163 16.70 12.86 17.15
C GLN C 163 17.66 14.08 16.93
N HIS C 164 18.94 13.96 17.35
CA HIS C 164 19.98 14.95 17.09
C HIS C 164 20.78 14.68 15.83
N VAL C 165 20.57 13.49 15.26
CA VAL C 165 21.23 13.16 13.98
C VAL C 165 20.25 12.64 12.90
N LYS C 166 19.10 13.29 12.79
CA LYS C 166 18.07 12.74 11.91
C LYS C 166 18.43 12.75 10.43
N TYR C 167 19.35 13.60 10.03
CA TYR C 167 19.60 13.78 8.60
C TYR C 167 21.03 13.31 8.29
N LYS C 168 21.23 12.94 7.01
CA LYS C 168 22.53 12.52 6.55
C LYS C 168 23.59 13.60 6.84
N GLY C 169 24.70 13.16 7.43
CA GLY C 169 25.84 14.02 7.65
C GLY C 169 25.78 14.71 8.97
N GLN C 170 24.63 14.65 9.66
CA GLN C 170 24.56 15.26 10.98
C GLN C 170 25.32 14.52 12.04
N GLU C 171 25.88 15.25 13.00
CA GLU C 171 26.67 14.65 14.11
C GLU C 171 26.21 15.15 15.45
N ALA C 172 26.47 14.36 16.48
CA ALA C 172 26.18 14.73 17.86
C ALA C 172 27.08 13.94 18.72
N PHE C 173 27.12 14.24 20.00
CA PHE C 173 28.06 13.58 20.93
C PHE C 173 27.21 12.82 21.93
N VAL C 174 27.69 11.64 22.27
CA VAL C 174 27.05 10.77 23.27
C VAL C 174 28.04 10.62 24.42
N PRO C 175 27.56 10.77 25.69
CA PRO C 175 28.47 10.55 26.83
C PRO C 175 28.97 9.11 26.89
N GLY C 176 30.21 8.90 27.34
CA GLY C 176 30.71 7.56 27.62
C GLY C 176 29.72 6.73 28.40
N PHE C 177 29.78 5.43 28.14
CA PHE C 177 29.12 4.42 28.97
C PHE C 177 29.87 3.10 28.73
N ASN C 178 29.50 2.07 29.46
CA ASN C 178 30.17 0.79 29.36
C ASN C 178 29.58 -0.03 28.17
N ILE C 179 30.39 -0.11 27.12
CA ILE C 179 29.91 -0.71 25.88
C ILE C 179 29.64 -2.16 26.12
N GLU C 180 30.24 -2.74 27.12
CA GLU C 180 30.07 -4.17 27.39
C GLU C 180 28.58 -4.48 27.76
N GLU C 181 27.86 -3.46 28.22
CA GLU C 181 26.44 -3.63 28.55
C GLU C 181 25.57 -3.92 27.27
N LEU C 182 26.15 -3.75 26.08
CA LEU C 182 25.42 -3.93 24.82
C LEU C 182 25.47 -5.40 24.42
N LEU C 183 26.37 -6.15 25.06
CA LEU C 183 26.59 -7.56 24.74
C LEU C 183 25.57 -8.43 25.43
N PRO C 184 25.25 -9.58 24.85
CA PRO C 184 24.27 -10.49 25.42
C PRO C 184 24.83 -11.35 26.59
N GLU C 185 23.93 -12.12 27.17
CA GLU C 185 24.29 -13.15 28.13
C GLU C 185 25.22 -14.19 27.46
N ARG C 186 26.19 -14.64 28.25
CA ARG C 186 27.03 -15.79 27.89
C ARG C 186 27.78 -15.58 26.58
N THR C 187 28.52 -14.47 26.59
CA THR C 187 29.37 -14.12 25.46
C THR C 187 30.30 -15.29 25.08
N ALA C 188 30.58 -16.24 25.98
CA ALA C 188 31.48 -17.37 25.59
C ALA C 188 30.85 -18.25 24.47
N GLU C 189 29.54 -18.15 24.24
CA GLU C 189 28.83 -18.91 23.20
C GLU C 189 28.73 -18.04 21.93
N TYR C 190 29.47 -18.44 20.90
CA TYR C 190 29.42 -17.64 19.67
C TYR C 190 29.66 -18.53 18.43
N TYR C 191 29.30 -17.97 17.25
CA TYR C 191 29.66 -18.45 15.92
C TYR C 191 30.84 -17.67 15.41
N ARG C 192 31.74 -18.31 14.68
CA ARG C 192 32.92 -17.67 14.13
C ARG C 192 33.12 -18.06 12.72
N TYR C 193 33.39 -17.09 11.85
CA TYR C 193 33.77 -17.44 10.43
C TYR C 193 34.53 -16.24 9.84
N ARG C 194 35.30 -16.49 8.77
CA ARG C 194 35.97 -15.45 8.06
C ARG C 194 35.02 -14.93 6.99
N GLY C 195 34.83 -13.62 6.96
CA GLY C 195 33.96 -13.03 5.93
C GLY C 195 34.37 -11.62 5.59
N SER C 196 33.37 -10.74 5.39
CA SER C 196 33.65 -9.46 4.72
C SER C 196 32.90 -8.39 5.46
N LEU C 197 33.27 -7.15 5.16
CA LEU C 197 32.36 -6.01 5.45
C LEU C 197 31.00 -6.28 4.77
N THR C 198 29.90 -5.89 5.38
CA THR C 198 28.59 -6.10 4.77
C THR C 198 28.07 -4.89 4.02
N THR C 199 28.92 -3.85 3.98
CA THR C 199 28.66 -2.71 3.11
C THR C 199 29.89 -2.45 2.24
N PRO C 200 29.75 -1.60 1.20
CA PRO C 200 30.96 -1.24 0.44
C PRO C 200 31.98 -0.68 1.44
N PRO C 201 33.23 -0.95 1.22
CA PRO C 201 33.77 -1.65 0.03
C PRO C 201 33.80 -3.17 0.06
N CYS C 202 33.15 -3.76 1.08
CA CYS C 202 32.93 -5.26 1.09
C CYS C 202 34.23 -6.02 1.19
N ASN C 203 35.26 -5.46 1.77
CA ASN C 203 36.54 -6.16 1.79
C ASN C 203 36.45 -7.46 2.57
N PRO C 204 37.08 -8.54 2.07
CA PRO C 204 36.99 -9.87 2.68
C PRO C 204 38.02 -10.02 3.76
N THR C 205 37.95 -9.10 4.72
CA THR C 205 39.02 -8.94 5.73
C THR C 205 38.55 -9.04 7.16
N VAL C 206 37.27 -9.51 7.30
CA VAL C 206 36.64 -9.52 8.63
C VAL C 206 36.58 -10.88 9.32
N LEU C 207 37.10 -11.02 10.53
CA LEU C 207 36.87 -12.17 11.42
C LEU C 207 35.58 -11.90 12.13
N TRP C 208 34.52 -12.60 11.79
CA TRP C 208 33.19 -12.41 12.44
C TRP C 208 33.05 -13.23 13.66
N THR C 209 32.46 -12.62 14.69
CA THR C 209 32.04 -13.27 15.88
C THR C 209 30.60 -12.90 16.10
N VAL C 210 29.67 -13.84 15.96
CA VAL C 210 28.26 -13.56 16.15
C VAL C 210 27.82 -14.25 17.40
N PHE C 211 27.36 -13.48 18.40
CA PHE C 211 27.05 -14.23 19.62
C PHE C 211 25.83 -15.07 19.47
N ARG C 212 25.80 -16.22 20.14
N ARG C 212 25.80 -16.22 20.14
CA ARG C 212 24.69 -17.14 20.02
CA ARG C 212 24.69 -17.15 20.02
C ARG C 212 23.35 -16.57 20.51
C ARG C 212 23.36 -16.60 20.53
N ASN C 213 23.45 -15.81 21.61
CA ASN C 213 22.24 -15.27 22.30
C ASN C 213 21.96 -13.84 21.93
N PRO C 214 20.69 -13.55 21.66
CA PRO C 214 20.30 -12.21 21.34
C PRO C 214 20.08 -11.34 22.59
N VAL C 215 20.10 -10.06 22.35
CA VAL C 215 19.63 -9.10 23.42
C VAL C 215 18.26 -8.63 23.05
N GLN C 216 17.55 -8.01 24.00
CA GLN C 216 16.20 -7.51 23.84
C GLN C 216 16.19 -6.02 24.02
N ILE C 217 15.36 -5.42 23.20
CA ILE C 217 14.98 -4.04 23.30
C ILE C 217 13.45 -3.96 23.23
N SER C 218 12.88 -2.88 23.80
CA SER C 218 11.43 -2.85 23.85
C SER C 218 10.87 -2.62 22.47
N GLN C 219 9.60 -3.02 22.30
CA GLN C 219 8.88 -2.62 21.09
C GLN C 219 9.02 -1.11 20.81
N GLU C 220 8.94 -0.26 21.86
CA GLU C 220 9.05 1.16 21.64
C GLU C 220 10.44 1.57 21.17
N GLN C 221 11.50 0.97 21.73
CA GLN C 221 12.88 1.28 21.34
C GLN C 221 13.15 0.80 19.92
N LEU C 222 12.61 -0.39 19.57
CA LEU C 222 12.74 -0.86 18.16
C LEU C 222 12.09 0.08 17.15
N LEU C 223 10.83 0.51 17.45
CA LEU C 223 10.10 1.48 16.65
C LEU C 223 10.78 2.81 16.51
N ALA C 224 11.33 3.25 17.63
CA ALA C 224 12.11 4.53 17.69
C ALA C 224 13.27 4.47 16.69
N LEU C 225 14.01 3.36 16.73
CA LEU C 225 15.16 3.16 15.85
C LEU C 225 14.74 3.11 14.40
N GLU C 226 13.68 2.36 14.07
CA GLU C 226 13.23 2.24 12.69
C GLU C 226 12.65 3.53 12.09
N THR C 227 12.28 4.45 12.98
CA THR C 227 11.58 5.68 12.54
C THR C 227 12.26 7.01 12.82
N ALA C 228 13.43 6.97 13.41
CA ALA C 228 14.14 8.19 13.80
C ALA C 228 14.92 8.87 12.71
N LEU C 229 15.50 8.14 11.74
CA LEU C 229 16.46 8.72 10.78
C LEU C 229 16.05 8.77 9.35
N TYR C 230 16.62 9.72 8.63
CA TYR C 230 16.46 9.83 7.23
C TYR C 230 17.83 9.53 6.69
N CYS C 231 17.81 9.06 5.43
N CYS C 231 17.93 9.10 5.43
CA CYS C 231 18.98 8.70 4.63
CA CYS C 231 19.22 8.87 4.82
C CYS C 231 19.50 9.96 3.91
C CYS C 231 19.53 10.01 3.84
N THR C 232 18.67 11.00 3.90
CA THR C 232 18.87 12.22 3.09
C THR C 232 19.33 13.41 3.94
N HIS C 233 19.88 14.41 3.24
CA HIS C 233 20.40 15.65 3.85
C HIS C 233 19.22 16.49 4.27
N MET C 234 19.38 17.29 5.33
CA MET C 234 18.33 18.22 5.83
C MET C 234 17.65 19.08 4.73
N ASP C 235 18.47 19.65 3.86
CA ASP C 235 17.98 20.51 2.76
C ASP C 235 17.11 19.81 1.69
N ASP C 236 17.11 18.47 1.66
CA ASP C 236 16.45 17.66 0.63
C ASP C 236 14.89 17.81 0.65
N PRO C 237 14.31 18.39 -0.45
CA PRO C 237 12.85 18.54 -0.61
C PRO C 237 12.14 17.17 -0.75
N SER C 238 12.93 16.12 -0.91
CA SER C 238 12.43 14.75 -1.07
C SER C 238 13.04 13.74 -0.07
N PRO C 239 12.70 13.86 1.25
CA PRO C 239 13.32 13.03 2.27
C PRO C 239 13.02 11.54 2.20
N ARG C 240 14.00 10.75 2.54
CA ARG C 240 13.79 9.31 2.52
C ARG C 240 14.11 8.81 3.92
N GLU C 241 13.25 7.93 4.44
CA GLU C 241 13.50 7.27 5.75
C GLU C 241 14.65 6.25 5.69
N MET C 242 15.47 6.21 6.73
CA MET C 242 16.57 5.18 6.85
C MET C 242 15.96 3.91 7.47
N ILE C 243 15.63 2.96 6.61
CA ILE C 243 15.04 1.69 6.97
C ILE C 243 15.74 0.64 6.10
N ASN C 244 15.53 -0.61 6.56
CA ASN C 244 15.99 -1.79 5.79
C ASN C 244 17.44 -1.68 5.33
N ASN C 245 18.27 -1.24 6.29
CA ASN C 245 19.69 -0.98 5.95
C ASN C 245 20.55 -2.19 6.31
N PHE C 246 20.17 -3.30 5.71
CA PHE C 246 20.86 -4.59 5.96
C PHE C 246 21.08 -5.17 4.57
N ARG C 247 22.16 -5.96 4.45
CA ARG C 247 22.45 -6.63 3.14
C ARG C 247 21.74 -8.00 3.19
N GLN C 248 21.26 -8.45 2.05
CA GLN C 248 20.69 -9.82 1.95
C GLN C 248 21.84 -10.84 2.24
N VAL C 249 21.47 -12.01 2.75
CA VAL C 249 22.44 -13.05 2.96
C VAL C 249 23.14 -13.51 1.65
N GLN C 250 24.39 -13.92 1.79
CA GLN C 250 25.19 -14.34 0.64
C GLN C 250 25.26 -15.84 0.58
N LYS C 251 25.50 -16.34 -0.65
CA LYS C 251 25.78 -17.81 -0.73
C LYS C 251 27.01 -18.13 0.10
N PHE C 252 26.99 -19.33 0.68
CA PHE C 252 28.08 -19.79 1.58
C PHE C 252 28.16 -21.30 1.30
N ASP C 253 29.05 -21.67 0.43
CA ASP C 253 29.07 -23.05 -0.13
C ASP C 253 30.34 -23.75 0.20
N GLU C 254 30.18 -25.00 0.60
CA GLU C 254 31.32 -25.81 0.99
C GLU C 254 32.21 -25.12 2.06
N ARG C 255 31.55 -24.44 2.99
CA ARG C 255 32.26 -23.83 4.06
C ARG C 255 31.55 -24.12 5.34
N LEU C 256 32.32 -24.04 6.46
CA LEU C 256 31.74 -24.22 7.75
C LEU C 256 31.68 -22.89 8.58
N VAL C 257 30.77 -22.88 9.54
CA VAL C 257 30.79 -21.85 10.59
C VAL C 257 31.19 -22.57 11.88
N TYR C 258 32.18 -22.09 12.59
CA TYR C 258 32.71 -22.79 13.75
C TYR C 258 32.02 -22.27 14.97
N THR C 259 31.75 -23.14 15.94
CA THR C 259 31.02 -22.68 17.09
C THR C 259 31.80 -23.00 18.35
N SER C 260 31.62 -22.12 19.36
CA SER C 260 32.39 -22.31 20.60
C SER C 260 31.61 -23.23 21.50
N PHE C 261 30.41 -23.56 21.09
CA PHE C 261 29.48 -24.34 21.88
C PHE C 261 29.26 -25.59 21.15
N SER C 262 28.96 -26.64 21.90
CA SER C 262 28.58 -27.84 21.20
C SER C 262 27.09 -28.14 21.22
N GLN C 263 26.53 -28.15 22.42
CA GLN C 263 25.16 -28.62 22.64
C GLN C 263 24.12 -27.50 22.42
N LYS D 3 28.48 -14.67 -20.38
CA LYS D 3 29.14 -15.67 -19.48
C LYS D 3 28.76 -15.45 -18.01
N TRP D 4 27.57 -14.84 -17.75
CA TRP D 4 27.14 -14.82 -16.35
C TRP D 4 27.01 -16.24 -15.81
N THR D 5 27.15 -16.32 -14.50
CA THR D 5 27.10 -17.61 -13.78
C THR D 5 26.41 -17.44 -12.42
N TYR D 6 26.34 -18.50 -11.60
CA TYR D 6 25.79 -18.42 -10.26
C TYR D 6 26.89 -18.51 -9.18
N PHE D 7 28.16 -18.45 -9.59
CA PHE D 7 29.26 -18.66 -8.62
C PHE D 7 30.49 -17.94 -9.15
N GLY D 8 31.24 -17.30 -8.26
CA GLY D 8 32.54 -16.74 -8.75
C GLY D 8 32.41 -15.31 -9.19
N PRO D 9 33.47 -14.79 -9.84
CA PRO D 9 33.50 -13.43 -10.27
C PRO D 9 32.36 -13.00 -11.09
N ASP D 10 31.68 -13.87 -11.89
CA ASP D 10 30.58 -13.50 -12.76
C ASP D 10 29.20 -13.94 -12.19
N GLY D 11 29.23 -14.19 -10.91
CA GLY D 11 27.98 -14.61 -10.17
C GLY D 11 27.11 -13.40 -9.88
N GLU D 12 26.07 -13.65 -9.12
CA GLU D 12 24.92 -12.81 -9.07
C GLU D 12 25.14 -11.38 -8.54
N ASN D 13 26.14 -11.18 -7.68
CA ASN D 13 26.37 -9.80 -7.28
C ASN D 13 27.04 -9.01 -8.39
N SER D 14 27.47 -9.66 -9.47
CA SER D 14 28.10 -8.95 -10.59
C SER D 14 27.19 -8.86 -11.74
N TRP D 15 26.01 -9.48 -11.75
CA TRP D 15 25.21 -9.39 -12.99
C TRP D 15 24.84 -7.98 -13.43
N SER D 16 24.67 -7.08 -12.49
CA SER D 16 24.20 -5.69 -12.83
C SER D 16 25.34 -4.99 -13.55
N LYS D 17 26.54 -5.48 -13.60
CA LYS D 17 27.60 -4.77 -14.32
C LYS D 17 27.31 -4.86 -15.77
N LYS D 18 26.69 -5.90 -16.27
CA LYS D 18 26.27 -6.07 -17.73
C LYS D 18 24.79 -5.93 -18.00
N TYR D 19 23.99 -6.20 -16.99
CA TYR D 19 22.57 -6.27 -17.13
C TYR D 19 21.93 -5.35 -16.16
N PRO D 20 21.74 -4.08 -16.52
CA PRO D 20 21.36 -3.10 -15.49
C PRO D 20 20.03 -3.42 -14.75
N SER D 21 19.06 -4.15 -15.39
CA SER D 21 17.83 -4.39 -14.65
C SER D 21 18.08 -5.33 -13.46
N CYS D 22 19.17 -6.10 -13.41
CA CYS D 22 19.49 -6.91 -12.24
C CYS D 22 19.79 -6.09 -11.05
N GLY D 23 20.11 -4.77 -11.21
CA GLY D 23 20.29 -3.81 -10.09
C GLY D 23 19.12 -2.85 -9.90
N GLY D 24 18.05 -3.09 -10.62
CA GLY D 24 16.83 -2.22 -10.61
C GLY D 24 15.80 -2.68 -9.60
N LEU D 25 14.64 -2.13 -9.73
CA LEU D 25 13.59 -2.43 -8.75
C LEU D 25 12.88 -3.72 -9.14
N LEU D 26 12.05 -4.20 -8.17
CA LEU D 26 11.03 -5.28 -8.42
C LEU D 26 11.71 -6.61 -8.81
N GLN D 27 12.83 -6.84 -8.17
CA GLN D 27 13.52 -8.16 -8.49
C GLN D 27 12.91 -9.37 -7.78
N SER D 28 13.11 -10.49 -8.41
CA SER D 28 12.70 -11.81 -7.88
C SER D 28 13.94 -12.68 -7.78
N PRO D 29 13.96 -13.73 -6.96
CA PRO D 29 12.82 -14.19 -6.12
C PRO D 29 12.83 -13.44 -4.81
N ILE D 30 11.86 -13.78 -3.98
CA ILE D 30 11.65 -13.19 -2.67
C ILE D 30 11.32 -14.28 -1.68
N ASP D 31 11.47 -13.88 -0.39
CA ASP D 31 11.01 -14.71 0.74
C ASP D 31 9.56 -14.44 1.06
N LEU D 32 8.75 -15.45 1.04
CA LEU D 32 7.31 -15.35 1.36
C LEU D 32 7.09 -15.53 2.86
N HIS D 33 6.82 -14.44 3.58
CA HIS D 33 6.68 -14.57 5.06
C HIS D 33 5.56 -13.69 5.47
N SER D 34 5.01 -14.01 6.66
CA SER D 34 3.71 -13.43 7.09
C SER D 34 3.63 -11.92 7.03
N ASP D 35 4.65 -11.19 7.42
CA ASP D 35 4.53 -9.74 7.51
C ASP D 35 4.21 -9.05 6.23
N ILE D 36 4.56 -9.69 5.08
CA ILE D 36 4.34 -9.09 3.81
C ILE D 36 3.24 -9.74 3.01
N LEU D 37 2.45 -10.64 3.61
CA LEU D 37 1.37 -11.33 2.92
C LEU D 37 0.04 -10.59 3.15
N GLN D 38 -0.79 -10.50 2.12
CA GLN D 38 -2.12 -9.86 2.33
C GLN D 38 -3.08 -10.58 1.47
N TYR D 39 -4.19 -11.06 2.03
CA TYR D 39 -5.23 -11.78 1.32
C TYR D 39 -5.91 -10.79 0.33
N ASP D 40 -6.19 -11.25 -0.92
CA ASP D 40 -6.85 -10.37 -1.93
C ASP D 40 -7.88 -11.26 -2.53
N ALA D 41 -9.15 -10.84 -2.30
CA ALA D 41 -10.29 -11.57 -2.87
C ALA D 41 -10.40 -11.51 -4.44
N SER D 42 -9.59 -10.65 -5.04
CA SER D 42 -9.60 -10.52 -6.51
C SER D 42 -8.83 -11.67 -7.12
N LEU D 43 -8.08 -12.44 -6.29
CA LEU D 43 -7.25 -13.54 -6.83
C LEU D 43 -8.03 -14.81 -7.02
N THR D 44 -8.69 -14.91 -8.22
CA THR D 44 -9.54 -16.02 -8.53
C THR D 44 -8.73 -17.14 -9.20
N PRO D 45 -9.31 -18.32 -9.38
CA PRO D 45 -8.49 -19.48 -9.81
C PRO D 45 -8.04 -19.35 -11.26
N LEU D 46 -6.77 -19.68 -11.49
CA LEU D 46 -6.34 -19.75 -12.88
C LEU D 46 -6.85 -20.97 -13.52
N GLU D 47 -7.02 -20.84 -14.86
CA GLU D 47 -7.32 -22.00 -15.66
C GLU D 47 -6.15 -22.41 -16.66
N PHE D 48 -5.90 -23.69 -16.67
CA PHE D 48 -4.74 -24.23 -17.44
C PHE D 48 -5.27 -24.89 -18.70
N GLN D 49 -5.02 -24.26 -19.85
CA GLN D 49 -5.63 -24.69 -21.13
C GLN D 49 -4.54 -25.22 -22.06
N GLY D 50 -4.82 -26.34 -22.67
CA GLY D 50 -3.89 -26.94 -23.61
C GLY D 50 -2.61 -27.40 -22.90
N TYR D 51 -2.71 -27.70 -21.60
CA TYR D 51 -1.55 -28.31 -20.88
C TYR D 51 -1.31 -29.76 -21.16
N ASN D 52 -2.38 -30.40 -21.61
CA ASN D 52 -2.31 -31.82 -21.90
C ASN D 52 -1.67 -32.03 -23.26
N LEU D 53 -0.37 -32.18 -23.30
CA LEU D 53 0.34 -32.35 -24.61
C LEU D 53 0.26 -33.77 -25.12
N SER D 54 0.07 -33.91 -26.42
CA SER D 54 -0.05 -35.22 -26.99
C SER D 54 1.24 -36.06 -26.83
N ALA D 55 1.10 -37.29 -26.38
CA ALA D 55 2.22 -38.25 -26.35
C ALA D 55 2.74 -38.61 -27.72
N ASN D 56 2.05 -38.24 -28.81
CA ASN D 56 2.58 -38.47 -30.17
C ASN D 56 3.25 -37.29 -30.80
N LYS D 57 3.31 -36.19 -30.04
CA LYS D 57 4.08 -35.02 -30.42
C LYS D 57 5.33 -34.97 -29.56
N GLN D 58 6.32 -34.19 -30.05
CA GLN D 58 7.59 -34.13 -29.30
C GLN D 58 7.93 -32.70 -29.11
N PHE D 59 8.59 -32.46 -27.96
CA PHE D 59 8.92 -31.13 -27.50
C PHE D 59 10.42 -31.09 -27.20
N LEU D 60 11.03 -29.98 -27.57
CA LEU D 60 12.51 -29.82 -27.46
C LEU D 60 13.01 -29.50 -26.07
N LEU D 61 13.86 -30.36 -25.56
CA LEU D 61 14.57 -30.10 -24.29
C LEU D 61 15.96 -29.62 -24.63
N THR D 62 16.44 -28.59 -23.92
CA THR D 62 17.73 -27.98 -24.27
C THR D 62 18.43 -27.68 -22.91
N ASN D 63 19.74 -27.91 -22.87
CA ASN D 63 20.61 -27.30 -21.85
C ASN D 63 21.10 -25.96 -22.30
N ASN D 64 20.64 -24.88 -21.69
CA ASN D 64 20.95 -23.57 -22.20
C ASN D 64 22.18 -22.97 -21.55
N GLY D 65 22.85 -23.81 -20.78
CA GLY D 65 24.01 -23.35 -20.03
C GLY D 65 23.68 -22.78 -18.64
N HIS D 66 22.38 -22.68 -18.27
CA HIS D 66 21.96 -22.13 -16.95
C HIS D 66 20.92 -22.98 -16.27
N SER D 67 20.19 -23.77 -17.03
CA SER D 67 19.18 -24.70 -16.54
C SER D 67 18.92 -25.69 -17.69
N VAL D 68 17.99 -26.58 -17.44
CA VAL D 68 17.45 -27.41 -18.51
C VAL D 68 16.05 -26.81 -18.80
N LYS D 69 15.76 -26.63 -20.08
CA LYS D 69 14.44 -26.11 -20.47
C LYS D 69 13.72 -26.95 -21.50
N LEU D 70 12.42 -27.07 -21.35
CA LEU D 70 11.59 -27.77 -22.30
C LEU D 70 10.75 -26.69 -22.96
N ASN D 71 10.80 -26.67 -24.29
CA ASN D 71 9.97 -25.75 -25.06
C ASN D 71 8.54 -26.22 -25.03
N LEU D 72 7.64 -25.24 -24.92
CA LEU D 72 6.20 -25.49 -24.88
C LEU D 72 5.48 -24.80 -26.04
N PRO D 73 4.36 -25.36 -26.46
CA PRO D 73 3.62 -24.76 -27.63
C PRO D 73 2.77 -23.56 -27.24
N SER D 74 2.58 -22.58 -28.14
CA SER D 74 1.81 -21.40 -27.79
C SER D 74 0.29 -21.67 -27.65
N ASP D 75 -0.17 -22.82 -28.12
CA ASP D 75 -1.59 -23.15 -27.94
C ASP D 75 -1.85 -23.41 -26.44
N MET D 76 -0.81 -23.76 -25.67
CA MET D 76 -0.91 -23.89 -24.20
C MET D 76 -0.94 -22.51 -23.55
N HIS D 77 -1.94 -22.30 -22.64
CA HIS D 77 -2.12 -20.98 -22.08
C HIS D 77 -2.75 -20.92 -20.74
N ILE D 78 -2.62 -19.77 -20.11
CA ILE D 78 -3.35 -19.54 -18.86
C ILE D 78 -4.44 -18.47 -19.13
N GLN D 79 -5.56 -18.71 -18.45
CA GLN D 79 -6.69 -17.77 -18.35
C GLN D 79 -6.95 -17.34 -16.90
N GLY D 80 -7.34 -16.06 -16.70
CA GLY D 80 -7.54 -15.53 -15.36
C GLY D 80 -6.89 -14.21 -15.14
N LEU D 81 -5.83 -13.87 -15.90
CA LEU D 81 -5.07 -12.66 -15.58
C LEU D 81 -5.60 -11.50 -16.40
N GLN D 82 -4.95 -10.33 -16.33
CA GLN D 82 -5.52 -9.17 -17.11
C GLN D 82 -5.45 -9.33 -18.65
N SER D 83 -4.70 -10.32 -19.16
CA SER D 83 -4.50 -10.67 -20.63
C SER D 83 -4.31 -12.22 -20.75
N ARG D 84 -4.45 -12.86 -21.91
CA ARG D 84 -4.11 -14.28 -22.21
C ARG D 84 -2.56 -14.36 -22.23
N TYR D 85 -2.00 -15.34 -21.49
CA TYR D 85 -0.61 -15.59 -21.45
C TYR D 85 -0.45 -17.01 -22.01
N SER D 86 0.42 -17.12 -23.05
CA SER D 86 0.68 -18.36 -23.72
C SER D 86 2.08 -18.95 -23.30
N ALA D 87 2.08 -20.25 -23.12
CA ALA D 87 3.34 -20.95 -22.72
C ALA D 87 4.46 -20.69 -23.71
N THR D 88 5.67 -20.63 -23.19
CA THR D 88 6.90 -20.64 -24.02
C THR D 88 7.89 -21.75 -23.61
N GLN D 89 8.10 -21.92 -22.32
CA GLN D 89 9.03 -23.00 -21.91
C GLN D 89 8.85 -23.21 -20.40
N LEU D 90 9.36 -24.37 -19.94
CA LEU D 90 9.54 -24.55 -18.47
C LEU D 90 10.98 -24.96 -18.20
N HIS D 91 11.39 -24.77 -16.97
CA HIS D 91 12.75 -25.11 -16.58
C HIS D 91 12.77 -25.22 -15.05
N LEU D 92 13.96 -25.60 -14.51
CA LEU D 92 14.09 -25.81 -13.08
C LEU D 92 15.28 -25.10 -12.48
N HIS D 93 15.26 -25.02 -11.17
CA HIS D 93 16.42 -24.47 -10.36
C HIS D 93 16.65 -25.42 -9.21
N TRP D 94 17.90 -25.67 -8.86
CA TRP D 94 18.21 -26.70 -7.82
C TRP D 94 19.52 -26.31 -7.17
N GLY D 95 19.82 -27.14 -6.15
CA GLY D 95 21.00 -26.97 -5.29
C GLY D 95 22.11 -27.92 -5.71
N ASN D 96 22.58 -28.77 -4.76
CA ASN D 96 23.63 -29.70 -5.14
C ASN D 96 23.56 -30.85 -4.14
N PRO D 97 24.36 -31.94 -4.37
CA PRO D 97 24.16 -33.11 -3.55
C PRO D 97 24.43 -32.84 -2.06
N ASN D 98 25.34 -31.92 -1.74
CA ASN D 98 25.65 -31.57 -0.34
C ASN D 98 24.72 -30.55 0.28
N ASP D 99 23.91 -29.92 -0.57
CA ASP D 99 23.01 -28.92 -0.04
C ASP D 99 21.74 -28.92 -0.96
N PRO D 100 20.81 -29.84 -0.80
CA PRO D 100 19.71 -30.05 -1.77
C PRO D 100 18.59 -29.09 -1.39
N HIS D 101 18.89 -27.79 -1.44
CA HIS D 101 17.95 -26.72 -0.99
C HIS D 101 18.08 -25.54 -1.92
N GLY D 102 17.71 -25.77 -3.16
CA GLY D 102 17.91 -24.79 -4.22
C GLY D 102 16.71 -24.17 -4.84
N SER D 103 15.59 -24.15 -4.14
CA SER D 103 14.51 -23.31 -4.66
C SER D 103 14.94 -21.82 -4.68
N GLU D 104 14.27 -21.08 -5.58
CA GLU D 104 14.48 -19.63 -5.62
C GLU D 104 13.67 -18.86 -4.59
N HIS D 105 12.36 -19.05 -4.65
CA HIS D 105 11.50 -18.54 -3.59
C HIS D 105 11.74 -19.35 -2.36
N THR D 106 11.63 -18.64 -1.22
CA THR D 106 11.71 -19.32 0.09
C THR D 106 10.39 -19.02 0.83
N VAL D 107 10.06 -19.88 1.81
CA VAL D 107 8.85 -19.67 2.59
C VAL D 107 9.26 -19.60 4.04
N SER D 108 8.99 -18.45 4.65
CA SER D 108 9.29 -18.21 6.12
C SER D 108 10.79 -18.53 6.32
N GLY D 109 11.57 -18.05 5.36
CA GLY D 109 13.07 -18.19 5.43
C GLY D 109 13.68 -19.55 5.02
N GLN D 110 12.83 -20.46 4.53
N GLN D 110 12.88 -20.50 4.57
CA GLN D 110 13.16 -21.86 4.21
CA GLN D 110 13.47 -21.80 4.25
C GLN D 110 13.19 -22.12 2.71
C GLN D 110 13.28 -22.06 2.78
N HIS D 111 14.34 -22.63 2.22
CA HIS D 111 14.36 -23.14 0.82
C HIS D 111 13.68 -24.47 0.75
N PHE D 112 13.07 -24.76 -0.36
CA PHE D 112 12.65 -26.06 -0.75
C PHE D 112 13.82 -26.70 -1.60
N ALA D 113 13.68 -27.98 -1.94
CA ALA D 113 14.75 -28.65 -2.62
C ALA D 113 15.07 -28.04 -4.00
N ALA D 114 14.00 -27.72 -4.70
CA ALA D 114 14.14 -27.26 -6.10
C ALA D 114 12.89 -26.45 -6.45
N GLU D 115 12.82 -25.93 -7.69
CA GLU D 115 11.64 -25.12 -8.09
C GLU D 115 11.48 -25.27 -9.62
N LEU D 116 10.24 -25.46 -10.05
CA LEU D 116 9.84 -25.47 -11.47
C LEU D 116 9.21 -24.17 -11.84
N HIS D 117 9.67 -23.62 -12.96
CA HIS D 117 9.07 -22.38 -13.50
C HIS D 117 8.45 -22.72 -14.86
N ILE D 118 7.18 -22.39 -14.99
CA ILE D 118 6.47 -22.53 -16.33
C ILE D 118 6.24 -21.14 -16.85
N VAL D 119 7.00 -20.76 -17.89
CA VAL D 119 7.08 -19.38 -18.41
C VAL D 119 6.05 -19.19 -19.55
N HIS D 120 5.30 -18.09 -19.39
CA HIS D 120 4.31 -17.63 -20.39
C HIS D 120 4.53 -16.19 -20.70
N TYR D 121 4.07 -15.81 -21.93
CA TYR D 121 4.19 -14.43 -22.36
C TYR D 121 2.78 -13.91 -22.76
N ASN D 122 2.74 -12.58 -22.78
CA ASN D 122 1.47 -11.77 -23.07
C ASN D 122 1.24 -11.80 -24.60
N SER D 123 0.55 -12.80 -25.03
CA SER D 123 0.25 -12.94 -26.47
C SER D 123 -0.84 -12.01 -26.94
N ASP D 124 -1.50 -11.33 -26.03
CA ASP D 124 -2.48 -10.29 -26.53
C ASP D 124 -1.69 -9.04 -26.98
N LEU D 125 -0.57 -8.80 -26.44
CA LEU D 125 0.16 -7.57 -26.62
C LEU D 125 1.35 -7.86 -27.55
N TYR D 126 1.96 -9.05 -27.48
CA TYR D 126 3.25 -9.29 -28.08
C TYR D 126 3.26 -10.54 -28.96
N PRO D 127 4.16 -10.52 -29.98
CA PRO D 127 4.07 -11.63 -30.96
C PRO D 127 4.83 -12.86 -30.60
N ASP D 128 5.63 -12.78 -29.56
CA ASP D 128 6.48 -13.90 -29.14
C ASP D 128 7.12 -13.55 -27.81
N ALA D 129 7.73 -14.54 -27.15
CA ALA D 129 8.16 -14.34 -25.81
C ALA D 129 9.36 -13.43 -25.73
N SER D 130 10.27 -13.59 -26.72
CA SER D 130 11.46 -12.77 -26.73
C SER D 130 11.07 -11.27 -26.83
N THR D 131 10.17 -10.97 -27.71
CA THR D 131 9.70 -9.55 -27.80
C THR D 131 8.99 -9.03 -26.51
N ALA D 132 8.24 -9.93 -25.94
CA ALA D 132 7.52 -9.63 -24.70
C ALA D 132 8.39 -9.43 -23.46
N SER D 133 9.57 -10.06 -23.49
CA SER D 133 10.32 -10.20 -22.29
C SER D 133 10.83 -8.91 -21.60
N ASN D 134 11.04 -7.83 -22.38
CA ASN D 134 11.48 -6.60 -21.80
C ASN D 134 10.43 -5.56 -21.86
N LYS D 135 9.19 -5.98 -22.01
CA LYS D 135 8.12 -4.96 -22.15
C LYS D 135 7.03 -5.12 -21.12
N SER D 136 6.27 -4.04 -20.94
CA SER D 136 5.27 -3.99 -19.86
C SER D 136 4.27 -5.12 -19.94
N GLU D 137 4.02 -5.72 -18.75
CA GLU D 137 3.08 -6.79 -18.70
C GLU D 137 3.46 -8.04 -19.55
N GLY D 138 4.77 -8.14 -19.80
CA GLY D 138 5.16 -9.05 -20.85
C GLY D 138 5.06 -10.57 -20.49
N LEU D 139 5.29 -10.90 -19.19
CA LEU D 139 5.49 -12.38 -18.86
C LEU D 139 4.68 -12.75 -17.60
N ALA D 140 4.34 -14.02 -17.52
CA ALA D 140 3.72 -14.56 -16.32
C ALA D 140 4.41 -15.91 -16.16
N VAL D 141 4.92 -16.12 -14.95
CA VAL D 141 5.58 -17.41 -14.63
C VAL D 141 4.79 -18.09 -13.48
N LEU D 142 4.60 -19.37 -13.61
CA LEU D 142 4.04 -20.21 -12.56
C LEU D 142 5.22 -20.91 -11.90
N ALA D 143 5.24 -20.83 -10.58
CA ALA D 143 6.34 -21.49 -9.76
C ALA D 143 5.76 -22.58 -8.92
N VAL D 144 6.36 -23.73 -9.05
CA VAL D 144 5.98 -24.88 -8.18
C VAL D 144 7.24 -25.21 -7.33
N LEU D 145 7.06 -25.12 -6.01
CA LEU D 145 8.07 -25.51 -4.99
C LEU D 145 8.19 -27.00 -4.92
N ILE D 146 9.40 -27.52 -4.93
CA ILE D 146 9.62 -28.95 -4.98
C ILE D 146 10.36 -29.40 -3.74
N GLU D 147 9.71 -30.27 -2.94
N GLU D 147 9.75 -30.40 -3.06
CA GLU D 147 10.38 -30.79 -1.71
CA GLU D 147 10.28 -30.94 -1.80
C GLU D 147 10.82 -32.24 -1.94
C GLU D 147 10.89 -32.31 -2.06
N MET D 148 11.92 -32.65 -1.28
CA MET D 148 12.33 -34.06 -1.30
C MET D 148 11.28 -34.96 -0.66
N GLY D 149 10.87 -35.96 -1.40
CA GLY D 149 9.79 -36.85 -0.95
C GLY D 149 9.71 -38.10 -1.79
N SER D 150 8.49 -38.44 -2.19
CA SER D 150 8.24 -39.63 -3.03
C SER D 150 8.67 -39.42 -4.49
N PHE D 151 9.04 -40.54 -5.12
CA PHE D 151 9.29 -40.57 -6.57
C PHE D 151 8.09 -40.00 -7.28
N ASN D 152 8.35 -39.14 -8.32
CA ASN D 152 7.32 -38.51 -9.04
C ASN D 152 7.44 -38.91 -10.52
N PRO D 153 6.50 -39.78 -10.98
CA PRO D 153 6.65 -40.31 -12.33
C PRO D 153 6.43 -39.24 -13.39
N SER D 154 5.72 -38.19 -13.08
CA SER D 154 5.46 -37.14 -14.07
C SER D 154 6.72 -36.29 -14.19
N TYR D 155 7.35 -35.83 -13.09
CA TYR D 155 8.64 -35.17 -13.28
C TYR D 155 9.64 -36.03 -13.94
N ASP D 156 9.59 -37.35 -13.78
CA ASP D 156 10.53 -38.22 -14.42
C ASP D 156 10.37 -38.25 -15.97
N LYS D 157 9.25 -37.77 -16.47
CA LYS D 157 9.09 -37.72 -17.97
C LYS D 157 10.04 -36.64 -18.50
N ILE D 158 10.52 -35.70 -17.67
CA ILE D 158 11.57 -34.76 -18.02
C ILE D 158 12.91 -35.42 -17.68
N PHE D 159 13.05 -35.87 -16.40
CA PHE D 159 14.35 -36.20 -15.91
C PHE D 159 15.04 -37.40 -16.61
N SER D 160 14.19 -38.30 -17.14
CA SER D 160 14.81 -39.44 -17.85
C SER D 160 15.57 -39.09 -19.08
N HIS D 161 15.42 -37.83 -19.53
CA HIS D 161 16.12 -37.34 -20.74
C HIS D 161 17.39 -36.56 -20.45
N LEU D 162 17.70 -36.37 -19.16
CA LEU D 162 18.81 -35.45 -18.83
C LEU D 162 20.13 -35.87 -19.38
N GLN D 163 20.35 -37.18 -19.50
CA GLN D 163 21.61 -37.64 -20.02
C GLN D 163 21.83 -37.33 -21.50
N HIS D 164 20.81 -36.85 -22.19
CA HIS D 164 20.94 -36.44 -23.58
C HIS D 164 21.19 -34.98 -23.79
N VAL D 165 21.18 -34.20 -22.71
CA VAL D 165 21.40 -32.77 -22.76
C VAL D 165 22.47 -32.37 -21.72
N LYS D 166 23.47 -33.21 -21.58
N LYS D 166 23.49 -33.20 -21.55
CA LYS D 166 24.48 -33.02 -20.57
CA LYS D 166 24.47 -32.92 -20.48
C LYS D 166 25.20 -31.66 -20.66
C LYS D 166 25.22 -31.62 -20.65
N TYR D 167 25.47 -31.18 -21.88
CA TYR D 167 26.38 -30.01 -22.05
C TYR D 167 25.62 -28.90 -22.72
N LYS D 168 26.16 -27.70 -22.49
CA LYS D 168 25.54 -26.48 -23.00
C LYS D 168 25.30 -26.59 -24.47
N GLY D 169 24.07 -26.32 -24.88
CA GLY D 169 23.73 -26.34 -26.26
C GLY D 169 23.09 -27.59 -26.81
N GLN D 170 23.19 -28.73 -26.11
CA GLN D 170 22.67 -29.99 -26.51
C GLN D 170 21.12 -29.95 -26.40
N GLU D 171 20.50 -30.72 -27.30
CA GLU D 171 19.03 -30.77 -27.43
C GLU D 171 18.57 -32.20 -27.59
N ALA D 172 17.39 -32.49 -27.11
CA ALA D 172 16.80 -33.82 -27.17
C ALA D 172 15.28 -33.61 -27.25
N PHE D 173 14.57 -34.63 -27.73
CA PHE D 173 13.10 -34.49 -27.83
C PHE D 173 12.45 -35.34 -26.79
N VAL D 174 11.44 -34.75 -26.18
CA VAL D 174 10.68 -35.35 -25.08
C VAL D 174 9.25 -35.59 -25.68
N PRO D 175 8.70 -36.80 -25.58
CA PRO D 175 7.24 -36.98 -25.94
C PRO D 175 6.34 -36.11 -25.07
N GLY D 176 5.28 -35.54 -25.62
CA GLY D 176 4.27 -34.82 -24.85
C GLY D 176 3.70 -35.64 -23.67
N PHE D 177 3.40 -34.86 -22.65
CA PHE D 177 2.65 -35.43 -21.47
C PHE D 177 1.85 -34.31 -20.92
N ASN D 178 1.06 -34.61 -19.91
CA ASN D 178 0.14 -33.55 -19.44
C ASN D 178 0.94 -32.74 -18.39
N ILE D 179 1.23 -31.53 -18.74
CA ILE D 179 2.01 -30.64 -17.86
C ILE D 179 1.27 -30.29 -16.57
N GLU D 180 -0.06 -30.44 -16.54
N GLU D 180 -0.06 -30.44 -16.55
CA GLU D 180 -0.73 -30.19 -15.28
CA GLU D 180 -0.77 -30.26 -15.30
C GLU D 180 -0.35 -31.22 -14.20
C GLU D 180 -0.34 -31.22 -14.21
N GLU D 181 0.20 -32.36 -14.60
CA GLU D 181 0.69 -33.35 -13.63
C GLU D 181 1.86 -32.80 -12.87
N LEU D 182 2.50 -31.75 -13.36
CA LEU D 182 3.63 -31.16 -12.57
C LEU D 182 3.18 -30.16 -11.52
N LEU D 183 1.89 -29.76 -11.50
CA LEU D 183 1.37 -28.83 -10.57
C LEU D 183 0.93 -29.52 -9.27
N PRO D 184 0.95 -28.72 -8.20
CA PRO D 184 0.55 -29.26 -6.89
C PRO D 184 -0.93 -29.32 -6.69
N GLU D 185 -1.27 -29.84 -5.49
N GLU D 185 -1.28 -29.86 -5.50
CA GLU D 185 -2.64 -29.84 -5.01
CA GLU D 185 -2.67 -29.89 -5.12
C GLU D 185 -3.16 -28.40 -4.86
C GLU D 185 -3.16 -28.45 -4.82
N ARG D 186 -4.47 -28.23 -5.06
CA ARG D 186 -5.13 -26.97 -4.67
C ARG D 186 -4.45 -25.76 -5.30
N THR D 187 -4.37 -25.83 -6.64
CA THR D 187 -3.81 -24.67 -7.35
C THR D 187 -4.57 -23.35 -7.19
N ALA D 188 -5.83 -23.35 -6.68
CA ALA D 188 -6.47 -22.09 -6.44
C ALA D 188 -5.81 -21.28 -5.30
N GLU D 189 -4.99 -21.98 -4.52
CA GLU D 189 -4.27 -21.33 -3.39
C GLU D 189 -2.80 -21.02 -3.86
N TYR D 190 -2.57 -19.73 -3.92
CA TYR D 190 -1.28 -19.23 -4.46
C TYR D 190 -0.94 -17.93 -3.93
N TYR D 191 0.34 -17.52 -4.05
CA TYR D 191 0.87 -16.25 -3.82
C TYR D 191 1.07 -15.55 -5.17
N ARG D 192 0.81 -14.23 -5.20
CA ARG D 192 0.91 -13.42 -6.45
C ARG D 192 1.62 -12.15 -6.12
N TYR D 193 2.63 -11.83 -6.98
CA TYR D 193 3.33 -10.55 -6.78
C TYR D 193 3.99 -10.12 -8.13
N ARG D 194 4.32 -8.86 -8.16
CA ARG D 194 5.06 -8.29 -9.32
C ARG D 194 6.50 -8.32 -9.11
N GLY D 195 7.18 -9.00 -10.08
CA GLY D 195 8.62 -9.11 -10.02
C GLY D 195 9.32 -9.20 -11.34
N SER D 196 10.34 -10.04 -11.39
CA SER D 196 11.27 -9.99 -12.53
C SER D 196 11.68 -11.37 -12.95
N LEU D 197 12.42 -11.42 -14.04
CA LEU D 197 13.14 -12.65 -14.35
C LEU D 197 14.21 -12.82 -13.28
N THR D 198 14.42 -14.10 -12.85
CA THR D 198 15.43 -14.34 -11.82
C THR D 198 16.86 -14.59 -12.34
N THR D 199 16.98 -14.46 -13.65
CA THR D 199 18.32 -14.51 -14.32
C THR D 199 18.49 -13.28 -15.15
N PRO D 200 19.75 -12.96 -15.51
CA PRO D 200 19.89 -11.94 -16.58
C PRO D 200 18.97 -12.23 -17.74
N PRO D 201 18.38 -11.18 -18.33
CA PRO D 201 18.60 -9.74 -18.02
C PRO D 201 17.77 -9.18 -16.94
N CYS D 202 17.06 -10.01 -16.15
CA CYS D 202 16.42 -9.54 -14.88
C CYS D 202 15.25 -8.55 -15.17
N ASN D 203 14.65 -8.61 -16.37
N ASN D 203 14.67 -8.61 -16.32
CA ASN D 203 13.57 -7.65 -16.76
CA ASN D 203 13.67 -7.60 -16.56
C ASN D 203 12.44 -7.70 -15.75
C ASN D 203 12.58 -7.66 -15.52
N PRO D 204 12.06 -6.52 -15.17
CA PRO D 204 10.94 -6.48 -14.16
C PRO D 204 9.55 -6.55 -14.81
N THR D 205 9.28 -7.60 -15.53
CA THR D 205 8.16 -7.75 -16.40
C THR D 205 7.33 -9.01 -16.17
N VAL D 206 7.61 -9.57 -14.93
CA VAL D 206 6.95 -10.84 -14.60
C VAL D 206 5.85 -10.75 -13.50
N LEU D 207 4.73 -11.24 -13.90
CA LEU D 207 3.69 -11.46 -12.89
C LEU D 207 3.90 -12.90 -12.38
N TRP D 208 4.25 -12.96 -11.09
CA TRP D 208 4.57 -14.28 -10.48
C TRP D 208 3.38 -14.89 -9.79
N THR D 209 3.20 -16.17 -9.96
CA THR D 209 2.21 -16.97 -9.22
C THR D 209 3.00 -18.12 -8.61
N VAL D 210 3.12 -18.17 -7.32
CA VAL D 210 3.82 -19.31 -6.65
C VAL D 210 2.73 -20.14 -5.95
N PHE D 211 2.56 -21.39 -6.29
CA PHE D 211 1.49 -22.18 -5.64
C PHE D 211 1.87 -22.34 -4.17
N ARG D 212 0.78 -22.38 -3.34
CA ARG D 212 0.99 -22.54 -1.89
C ARG D 212 1.60 -23.91 -1.56
N ASN D 213 1.15 -24.92 -2.24
CA ASN D 213 1.57 -26.27 -1.86
C ASN D 213 2.70 -26.78 -2.75
N PRO D 214 3.69 -27.44 -2.19
CA PRO D 214 4.75 -28.04 -2.98
C PRO D 214 4.36 -29.37 -3.60
N VAL D 215 5.17 -29.85 -4.54
CA VAL D 215 5.10 -31.22 -4.99
C VAL D 215 6.31 -31.94 -4.44
N GLN D 216 6.39 -33.24 -4.63
CA GLN D 216 7.53 -33.99 -4.12
C GLN D 216 8.21 -34.69 -5.29
N ILE D 217 9.52 -34.81 -5.27
CA ILE D 217 10.32 -35.71 -6.14
C ILE D 217 11.27 -36.47 -5.20
N SER D 218 11.80 -37.63 -5.64
CA SER D 218 12.65 -38.34 -4.64
C SER D 218 14.06 -37.84 -4.50
N GLN D 219 14.72 -38.33 -3.46
N GLN D 219 14.78 -38.28 -3.48
CA GLN D 219 16.11 -38.19 -3.25
CA GLN D 219 16.18 -37.95 -3.38
C GLN D 219 16.91 -38.52 -4.52
C GLN D 219 16.91 -38.47 -4.66
N GLU D 220 16.55 -39.66 -5.15
CA GLU D 220 17.30 -40.17 -6.32
C GLU D 220 17.01 -39.31 -7.56
N GLN D 221 15.80 -38.75 -7.69
CA GLN D 221 15.53 -37.81 -8.77
C GLN D 221 16.29 -36.54 -8.58
N LEU D 222 16.35 -36.00 -7.35
CA LEU D 222 17.08 -34.77 -7.10
C LEU D 222 18.57 -34.99 -7.36
N LEU D 223 19.16 -36.14 -6.95
CA LEU D 223 20.58 -36.37 -7.12
C LEU D 223 20.84 -36.47 -8.62
N ALA D 224 19.95 -37.08 -9.35
CA ALA D 224 20.16 -37.20 -10.81
C ALA D 224 20.14 -35.81 -11.47
N LEU D 225 19.15 -34.97 -11.09
CA LEU D 225 19.10 -33.60 -11.55
C LEU D 225 20.34 -32.85 -11.23
N GLU D 226 20.81 -32.94 -10.00
CA GLU D 226 21.96 -32.26 -9.51
C GLU D 226 23.28 -32.71 -10.08
N THR D 227 23.34 -33.86 -10.70
CA THR D 227 24.65 -34.37 -11.18
C THR D 227 24.63 -34.61 -12.66
N ALA D 228 23.55 -34.35 -13.33
CA ALA D 228 23.43 -34.71 -14.77
C ALA D 228 24.11 -33.69 -15.68
N LEU D 229 24.09 -32.45 -15.32
CA LEU D 229 24.35 -31.39 -16.32
C LEU D 229 25.57 -30.52 -16.01
N TYR D 230 26.07 -29.92 -17.11
CA TYR D 230 27.16 -28.94 -17.11
C TYR D 230 26.72 -27.63 -17.67
N CYS D 231 27.30 -26.52 -17.19
CA CYS D 231 26.96 -25.25 -17.80
C CYS D 231 27.81 -24.93 -19.00
N THR D 232 28.83 -25.77 -19.19
CA THR D 232 29.82 -25.51 -20.26
C THR D 232 29.55 -26.42 -21.47
N HIS D 233 30.07 -26.01 -22.63
CA HIS D 233 30.04 -26.80 -23.80
C HIS D 233 30.91 -28.03 -23.63
N MET D 234 30.55 -29.04 -24.38
CA MET D 234 31.22 -30.34 -24.27
C MET D 234 32.76 -30.24 -24.42
N ASP D 235 33.22 -29.34 -25.30
CA ASP D 235 34.66 -29.29 -25.53
C ASP D 235 35.40 -28.26 -24.65
N ASP D 236 34.73 -27.69 -23.66
CA ASP D 236 35.39 -26.74 -22.79
C ASP D 236 36.48 -27.41 -21.96
N PRO D 237 37.72 -26.91 -22.00
CA PRO D 237 38.73 -27.53 -21.13
C PRO D 237 38.55 -27.24 -19.64
N SER D 238 37.66 -26.29 -19.30
CA SER D 238 37.39 -26.01 -17.90
C SER D 238 35.89 -26.24 -17.62
N PRO D 239 35.52 -27.50 -17.45
CA PRO D 239 34.07 -27.73 -17.25
C PRO D 239 33.54 -27.29 -15.91
N ARG D 240 32.27 -26.87 -15.91
CA ARG D 240 31.62 -26.42 -14.67
C ARG D 240 30.29 -27.25 -14.55
N GLU D 241 30.09 -27.99 -13.44
CA GLU D 241 28.80 -28.58 -13.07
C GLU D 241 27.71 -27.59 -12.86
N MET D 242 26.55 -27.94 -13.45
CA MET D 242 25.38 -27.06 -13.30
C MET D 242 24.64 -27.37 -11.95
N ILE D 243 25.04 -26.63 -10.92
CA ILE D 243 24.55 -26.82 -9.55
C ILE D 243 24.27 -25.43 -9.00
N ASN D 244 23.45 -25.42 -7.93
CA ASN D 244 23.17 -24.16 -7.24
C ASN D 244 22.76 -23.02 -8.18
N ASN D 245 21.89 -23.34 -9.11
CA ASN D 245 21.54 -22.40 -10.17
C ASN D 245 20.26 -21.65 -9.70
N PHE D 246 20.30 -21.04 -8.52
CA PHE D 246 19.21 -20.21 -8.00
C PHE D 246 19.82 -18.91 -7.55
N ARG D 247 19.00 -17.89 -7.67
CA ARG D 247 19.40 -16.56 -7.18
C ARG D 247 19.01 -16.38 -5.69
N GLN D 248 19.79 -15.63 -4.91
CA GLN D 248 19.32 -15.28 -3.56
C GLN D 248 18.08 -14.44 -3.61
N VAL D 249 17.33 -14.52 -2.50
CA VAL D 249 16.13 -13.65 -2.40
C VAL D 249 16.53 -12.14 -2.36
N GLN D 250 15.59 -11.34 -2.88
CA GLN D 250 15.78 -9.88 -3.06
C GLN D 250 15.02 -9.04 -2.05
N LYS D 251 15.50 -7.81 -1.91
CA LYS D 251 14.72 -6.84 -1.08
C LYS D 251 13.29 -6.66 -1.68
N PHE D 252 12.34 -6.47 -0.77
CA PHE D 252 10.94 -6.24 -1.17
C PHE D 252 10.67 -4.87 -1.89
N ASP D 253 11.43 -3.79 -1.59
CA ASP D 253 11.18 -2.52 -2.34
C ASP D 253 9.71 -2.11 -2.11
N GLU D 254 9.18 -2.22 -0.88
CA GLU D 254 7.76 -1.82 -0.65
C GLU D 254 6.63 -2.71 -1.07
N ARG D 255 6.94 -3.72 -1.87
CA ARG D 255 5.94 -4.67 -2.37
C ARG D 255 5.27 -5.48 -1.28
N LEU D 256 3.98 -5.82 -1.48
CA LEU D 256 3.31 -6.89 -0.70
C LEU D 256 3.14 -8.05 -1.65
N VAL D 257 2.94 -9.20 -1.06
CA VAL D 257 2.63 -10.40 -1.82
C VAL D 257 1.20 -10.76 -1.46
N TYR D 258 0.41 -10.90 -2.46
CA TYR D 258 -1.08 -11.10 -2.31
C TYR D 258 -1.37 -12.55 -2.37
N THR D 259 -2.28 -13.04 -1.49
CA THR D 259 -2.57 -14.47 -1.41
C THR D 259 -3.99 -14.69 -1.77
N SER D 260 -4.30 -15.85 -2.34
CA SER D 260 -5.68 -16.23 -2.65
C SER D 260 -6.30 -16.98 -1.48
N PHE D 261 -5.58 -17.09 -0.38
CA PHE D 261 -6.03 -17.90 0.77
C PHE D 261 -5.77 -17.02 1.96
N SER D 262 -6.55 -17.20 3.05
CA SER D 262 -6.23 -16.64 4.42
C SER D 262 -5.66 -17.77 5.27
ZN ZN E . -10.34 22.13 10.22
C1 EDO F . -9.81 26.32 8.68
O1 EDO F . -10.41 27.28 7.79
C2 EDO F . -8.34 26.60 9.04
O2 EDO F . -8.37 27.85 9.68
C1 EDO G . -23.23 31.62 22.66
O1 EDO G . -23.25 30.23 23.12
C2 EDO G . -23.69 32.52 23.81
O2 EDO G . -22.50 32.86 24.57
C1 EDO H . -0.48 31.69 15.12
O1 EDO H . -0.90 31.53 16.47
C2 EDO H . 1.03 31.45 14.96
O2 EDO H . 1.48 30.03 15.00
O4 VD9 I . -7.22 20.46 8.14
S2 VD9 I . -7.69 21.60 8.94
O1 VD9 I . -7.47 21.44 10.42
N3 VD9 I . -9.23 21.90 8.66
C5 VD9 I . -6.70 22.94 8.45
C10 VD9 I . -5.73 23.46 9.31
C9 VD9 I . -4.89 24.52 8.92
C8 VD9 I . -5.13 25.06 7.67
C7 VD9 I . -6.11 24.62 6.76
C6 VD9 I . -6.92 23.58 7.25
S11 VD9 I . -4.12 26.38 7.00
C12 VD9 I . -2.72 26.53 8.19
C13 VD9 I . -1.78 25.34 8.10
C14 VD9 I . -0.68 25.49 9.13
ZN ZN J . -24.66 5.88 -13.50
C1 EDO K . -22.61 6.17 -17.88
O1 EDO K . -22.66 5.28 -18.97
C2 EDO K . -21.74 5.63 -16.84
O2 EDO K . -20.34 5.65 -17.28
C1 EDO L . -44.89 12.22 -10.68
O1 EDO L . -43.83 13.19 -10.74
C2 EDO L . -44.37 10.83 -11.08
O2 EDO L . -43.03 10.43 -10.61
C1 EDO M . -21.12 -14.24 -13.10
O1 EDO M . -22.22 -13.93 -12.17
C2 EDO M . -21.27 -15.38 -14.14
O2 EDO M . -22.49 -15.49 -14.98
C1 EDO N . -23.67 6.00 -22.98
C1 EDO N . -23.51 6.19 -23.43
O1 EDO N . -24.81 6.86 -22.87
O1 EDO N . -24.70 6.73 -22.82
C2 EDO N . -22.39 6.78 -22.67
C2 EDO N . -22.32 6.44 -22.51
O2 EDO N . -22.22 6.86 -21.26
O2 EDO N . -21.20 5.70 -22.98
C1 EDO O . -35.25 -7.77 -5.73
O1 EDO O . -36.37 -7.81 -4.84
C2 EDO O . -35.66 -8.39 -7.06
O2 EDO O . -36.54 -7.50 -7.76
C1 EDO P . -35.84 21.90 -4.47
O1 EDO P . -35.69 21.09 -3.31
C2 EDO P . -34.62 21.75 -5.35
O2 EDO P . -35.08 20.81 -6.32
O4 VD9 Q . -25.72 9.82 -14.05
S2 VD9 Q . -25.49 8.54 -14.67
O1 VD9 Q . -26.61 7.69 -14.81
N3 VD9 Q . -24.33 7.67 -13.94
C5 VD9 Q . -24.96 8.93 -16.31
C10 VD9 Q . -23.70 9.53 -16.63
C9 VD9 Q . -23.33 9.81 -17.96
C8 VD9 Q . -24.25 9.49 -18.88
C7 VD9 Q . -25.46 8.96 -18.73
C6 VD9 Q . -25.82 8.60 -17.39
S11 VD9 Q . -23.68 10.00 -20.52
C12 VD9 Q . -25.15 9.77 -21.60
C13 VD9 Q . -26.12 10.94 -21.35
C14 VD9 Q . -27.33 10.64 -22.23
ZN ZN R . 27.41 -3.51 10.14
C1 EDO S . 27.79 0.78 8.43
O1 EDO S . 27.11 1.64 7.49
C2 EDO S . 29.26 1.16 8.73
O2 EDO S . 29.25 2.32 9.60
C1 EDO T . 38.71 6.24 14.51
O1 EDO T . 39.14 4.82 14.58
C2 EDO T . 37.18 6.39 14.58
O2 EDO T . 36.73 6.27 15.95
O4 VD9 U . 30.60 -5.23 8.15
S2 VD9 U . 30.07 -4.04 8.91
O1 VD9 U . 30.28 -4.23 10.32
N3 VD9 U . 28.53 -3.79 8.55
C5 VD9 U . 31.01 -2.63 8.47
C10 VD9 U . 31.99 -2.18 9.38
C9 VD9 U . 32.78 -1.11 8.95
C8 VD9 U . 32.59 -0.53 7.71
C7 VD9 U . 31.63 -1.00 6.78
C6 VD9 U . 30.84 -2.08 7.21
S11 VD9 U . 33.55 0.82 6.95
C12 VD9 U . 34.91 0.92 8.19
C13 VD9 U . 35.92 -0.17 7.92
C14 VD9 U . 36.95 -0.04 9.06
ZN ZN V . 13.39 -19.84 -13.47
C1 EDO W . 15.48 -19.67 -17.91
O1 EDO W . 15.55 -20.59 -18.94
C2 EDO W . 16.35 -20.11 -16.78
O2 EDO W . 17.78 -20.13 -17.10
C1 EDO X . -6.69 -13.37 -10.90
O1 EDO X . -5.75 -12.24 -11.05
C2 EDO X . -6.16 -14.65 -11.56
O2 EDO X . -5.05 -15.25 -10.86
O4 VD9 Y . 12.44 -15.86 -14.05
S2 VD9 Y . 12.63 -17.16 -14.67
O1 VD9 Y . 11.45 -17.99 -14.83
N3 VD9 Y . 13.80 -17.97 -13.90
C5 VD9 Y . 13.19 -16.84 -16.36
C10 VD9 Y . 14.45 -16.33 -16.56
C9 VD9 Y . 14.92 -16.03 -17.83
C8 VD9 Y . 14.04 -16.30 -18.86
C7 VD9 Y . 12.77 -16.81 -18.75
C6 VD9 Y . 12.36 -17.15 -17.46
S11 VD9 Y . 14.64 -15.85 -20.50
C12 VD9 Y . 13.17 -15.95 -21.59
C13 VD9 Y . 12.07 -14.89 -21.44
C14 VD9 Y . 10.92 -15.07 -22.43
#